data_3EZ0
#
_entry.id   3EZ0
#
_cell.length_a   62.600
_cell.length_b   96.710
_cell.length_c   71.200
_cell.angle_alpha   90.00
_cell.angle_beta   97.60
_cell.angle_gamma   90.00
#
_symmetry.space_group_name_H-M   'P 1 21 1'
#
loop_
_entity.id
_entity.type
_entity.pdbx_description
1 polymer 'uncharacterized protein with ferritin-like fold'
2 non-polymer 'UNKNOWN LIGAND'
3 non-polymer 'L(+)-TARTARIC ACID'
4 non-polymer 1,2-ETHANEDIOL
5 water water
#
_entity_poly.entity_id   1
_entity_poly.type   'polypeptide(L)'
_entity_poly.pdbx_seq_one_letter_code
;G(MSE)STSPADTARYNRFVADLFG(MSE)(MSE)AYGELSAFERFSADARYSPTLHDRAVLGRIAVVEFRHYELVSARL
EA(MSE)GIDAEDA(MSE)LPFQAAVDYFHSRTRPADWYESL(MSE)KAYVIDTVSADFYRAISRYVDAGTRDVIEQIQA
SDETTEVLRERLRSALADDPRLASRLALWGRRLLGEALTQAQRVSYEHAFLGSLIGGEDSAAAKELVSGLIAGLAEKHSK
R(MSE)TQLGLTG
;
_entity_poly.pdbx_strand_id   A,B,C,D
#
# COMPACT_ATOMS: atom_id res chain seq x y z
N THR A 4 -19.83 20.11 24.33
CA THR A 4 -20.51 19.39 23.21
C THR A 4 -21.95 19.87 23.10
N SER A 5 -22.37 20.16 21.86
CA SER A 5 -23.72 20.65 21.59
C SER A 5 -24.55 19.53 20.96
N PRO A 6 -25.88 19.62 21.08
CA PRO A 6 -26.75 18.71 20.33
C PRO A 6 -26.36 18.59 18.83
N ALA A 7 -25.96 19.71 18.20
CA ALA A 7 -25.47 19.71 16.85
C ALA A 7 -24.19 18.85 16.71
N ASP A 8 -23.28 18.97 17.68
CA ASP A 8 -22.04 18.17 17.68
C ASP A 8 -22.35 16.68 17.75
N THR A 9 -23.30 16.34 18.61
CA THR A 9 -23.72 14.95 18.82
C THR A 9 -24.50 14.42 17.63
N ALA A 10 -25.37 15.26 17.07
CA ALA A 10 -26.15 14.92 15.89
C ALA A 10 -25.22 14.63 14.70
N ARG A 11 -24.14 15.41 14.60
CA ARG A 11 -23.13 15.24 13.55
C ARG A 11 -22.31 13.96 13.80
N TYR A 12 -21.86 13.77 15.03
CA TYR A 12 -21.16 12.54 15.41
C TYR A 12 -21.99 11.30 15.02
N ASN A 13 -23.27 11.30 15.34
CA ASN A 13 -24.19 10.21 14.95
C ASN A 13 -24.25 9.96 13.45
N ARG A 14 -24.15 11.02 12.64
CA ARG A 14 -24.14 10.86 11.18
C ARG A 14 -22.83 10.23 10.68
N PHE A 15 -21.70 10.56 11.30
CA PHE A 15 -20.43 9.93 10.95
C PHE A 15 -20.42 8.46 11.35
N VAL A 16 -21.08 8.13 12.47
CA VAL A 16 -21.27 6.73 12.87
C VAL A 16 -22.14 5.99 11.84
N ALA A 17 -23.09 6.73 11.24
CA ALA A 17 -23.96 6.23 10.19
C ALA A 17 -23.16 5.94 8.93
N ASP A 18 -22.18 6.79 8.61
CA ASP A 18 -21.24 6.55 7.49
C ASP A 18 -20.44 5.27 7.71
N LEU A 19 -19.91 5.10 8.93
CA LEU A 19 -19.18 3.90 9.32
C LEU A 19 -20.03 2.65 9.15
N PHE A 20 -21.23 2.65 9.74
CA PHE A 20 -22.14 1.52 9.58
C PHE A 20 -22.52 1.27 8.13
N GLY A 21 -22.73 2.35 7.37
CA GLY A 21 -23.06 2.28 5.97
C GLY A 21 -21.96 1.58 5.18
N ALA A 24 -21.94 -2.12 6.32
CA ALA A 24 -23.10 -2.88 5.82
C ALA A 24 -22.87 -3.24 4.37
N TYR A 25 -22.40 -2.28 3.58
CA TYR A 25 -22.13 -2.56 2.16
C TYR A 25 -20.98 -3.57 1.97
N GLY A 26 -19.94 -3.44 2.79
CA GLY A 26 -18.81 -4.36 2.76
C GLY A 26 -19.27 -5.78 3.03
N GLU A 27 -20.11 -5.92 4.03
CA GLU A 27 -20.65 -7.21 4.47
C GLU A 27 -21.54 -7.87 3.42
N LEU A 28 -22.47 -7.11 2.87
CA LEU A 28 -23.33 -7.57 1.79
C LEU A 28 -22.54 -8.11 0.57
N SER A 29 -21.58 -7.30 0.11
CA SER A 29 -20.70 -7.69 -0.99
C SER A 29 -19.89 -8.94 -0.68
N ALA A 30 -19.30 -9.00 0.51
CA ALA A 30 -18.52 -10.15 0.93
C ALA A 30 -19.40 -11.41 0.95
N PHE A 31 -20.64 -11.28 1.42
CA PHE A 31 -21.58 -12.39 1.36
C PHE A 31 -21.77 -12.84 -0.11
N GLU A 32 -21.97 -11.89 -1.01
CA GLU A 32 -22.19 -12.19 -2.42
C GLU A 32 -20.98 -12.89 -3.07
N ARG A 33 -19.78 -12.40 -2.76
CA ARG A 33 -18.57 -12.89 -3.36
C ARG A 33 -18.17 -14.24 -2.83
N PHE A 34 -18.25 -14.43 -1.51
CA PHE A 34 -17.84 -15.68 -0.90
C PHE A 34 -18.77 -16.83 -1.24
N SER A 35 -20.07 -16.54 -1.28
CA SER A 35 -21.08 -17.50 -1.67
C SER A 35 -20.89 -17.94 -3.13
N ALA A 36 -20.60 -16.99 -4.03
CA ALA A 36 -20.33 -17.33 -5.43
C ALA A 36 -19.02 -18.11 -5.58
N ASP A 37 -18.03 -17.74 -4.80
CA ASP A 37 -16.72 -18.40 -4.79
C ASP A 37 -16.75 -19.85 -4.28
N ALA A 38 -17.67 -20.11 -3.37
CA ALA A 38 -17.81 -21.42 -2.71
C ALA A 38 -18.05 -22.56 -3.71
N ARG A 39 -18.84 -22.33 -4.76
CA ARG A 39 -19.11 -23.37 -5.79
C ARG A 39 -17.89 -24.02 -6.39
N TYR A 40 -16.77 -23.27 -6.41
CA TYR A 40 -15.53 -23.70 -7.07
C TYR A 40 -14.58 -24.49 -6.19
N SER A 41 -15.10 -25.02 -5.08
CA SER A 41 -14.25 -25.67 -4.12
C SER A 41 -13.70 -27.02 -4.62
N PRO A 42 -12.43 -27.32 -4.31
CA PRO A 42 -11.82 -28.53 -4.83
C PRO A 42 -12.52 -29.84 -4.40
N THR A 43 -13.14 -29.84 -3.23
CA THR A 43 -13.84 -31.02 -2.75
C THR A 43 -15.22 -30.66 -2.22
N LEU A 44 -16.08 -31.65 -2.12
CA LEU A 44 -17.41 -31.45 -1.60
C LEU A 44 -17.30 -31.05 -0.14
N HIS A 45 -16.38 -31.67 0.57
CA HIS A 45 -16.07 -31.32 1.97
C HIS A 45 -15.83 -29.84 2.17
N ASP A 46 -15.09 -29.22 1.26
CA ASP A 46 -14.76 -27.76 1.31
C ASP A 46 -15.80 -26.77 0.82
N ARG A 47 -16.88 -27.25 0.22
CA ARG A 47 -17.94 -26.36 -0.24
C ARG A 47 -18.47 -25.44 0.84
N ALA A 48 -18.72 -26.00 2.03
CA ALA A 48 -19.33 -25.28 3.15
C ALA A 48 -18.38 -24.26 3.80
N VAL A 49 -17.09 -24.36 3.52
CA VAL A 49 -16.12 -23.47 4.15
C VAL A 49 -16.48 -22.03 3.85
N LEU A 50 -16.52 -21.68 2.57
CA LEU A 50 -16.81 -20.30 2.18
C LEU A 50 -18.30 -19.94 2.30
N GLY A 51 -19.19 -20.93 2.17
CA GLY A 51 -20.61 -20.72 2.41
C GLY A 51 -20.89 -20.28 3.84
N ARG A 52 -20.19 -20.90 4.79
CA ARG A 52 -20.30 -20.50 6.20
C ARG A 52 -19.88 -19.07 6.49
N ILE A 53 -18.72 -18.63 6.01
CA ILE A 53 -18.35 -17.22 6.21
C ILE A 53 -19.26 -16.30 5.44
N ALA A 54 -19.74 -16.74 4.28
CA ALA A 54 -20.70 -15.97 3.49
C ALA A 54 -21.92 -15.66 4.33
N VAL A 55 -22.46 -16.67 5.00
CA VAL A 55 -23.66 -16.51 5.82
C VAL A 55 -23.43 -15.58 7.02
N VAL A 56 -22.31 -15.78 7.72
CA VAL A 56 -21.91 -14.89 8.82
C VAL A 56 -21.91 -13.43 8.34
N GLU A 57 -21.35 -13.20 7.16
CA GLU A 57 -21.30 -11.86 6.56
C GLU A 57 -22.67 -11.23 6.35
N PHE A 58 -23.59 -12.02 5.82
CA PHE A 58 -24.97 -11.57 5.65
C PHE A 58 -25.64 -11.28 7.01
N ARG A 59 -25.32 -12.10 8.01
CA ARG A 59 -25.83 -11.92 9.37
C ARG A 59 -25.35 -10.56 9.93
N HIS A 60 -24.09 -10.22 9.66
CA HIS A 60 -23.52 -8.93 10.07
C HIS A 60 -24.22 -7.80 9.34
N TYR A 61 -24.37 -7.94 8.03
CA TYR A 61 -25.07 -6.95 7.22
C TYR A 61 -26.44 -6.63 7.79
N GLU A 62 -27.18 -7.66 8.16
CA GLU A 62 -28.53 -7.48 8.71
C GLU A 62 -28.57 -6.77 10.07
N LEU A 63 -27.59 -7.09 10.92
CA LEU A 63 -27.44 -6.48 12.23
C LEU A 63 -27.12 -4.98 12.10
N VAL A 64 -26.21 -4.65 11.19
CA VAL A 64 -25.79 -3.28 10.96
C VAL A 64 -26.93 -2.49 10.31
N SER A 65 -27.55 -3.10 9.29
CA SER A 65 -28.73 -2.52 8.64
C SER A 65 -29.83 -2.19 9.66
N ALA A 66 -30.08 -3.10 10.61
CA ALA A 66 -31.13 -2.88 11.62
C ALA A 66 -30.74 -1.71 12.54
N ARG A 67 -29.49 -1.68 12.96
CA ARG A 67 -28.97 -0.57 13.75
C ARG A 67 -29.17 0.77 13.03
N LEU A 68 -28.85 0.82 11.73
CA LEU A 68 -29.06 2.03 10.94
C LEU A 68 -30.54 2.46 11.01
N GLU A 69 -31.48 1.55 10.76
CA GLU A 69 -32.88 1.87 10.83
C GLU A 69 -33.27 2.37 12.24
N ALA A 70 -32.74 1.71 13.27
CA ALA A 70 -33.05 2.07 14.67
C ALA A 70 -32.59 3.49 14.98
N GLY A 72 -32.87 5.71 12.99
CA GLY A 72 -33.74 6.53 12.12
C GLY A 72 -33.13 6.87 10.77
N ILE A 73 -32.10 6.12 10.37
CA ILE A 73 -31.36 6.32 9.12
C ILE A 73 -31.69 5.25 8.09
N ASP A 74 -31.83 5.68 6.84
CA ASP A 74 -32.12 4.76 5.76
C ASP A 74 -30.86 3.99 5.35
N ALA A 75 -30.87 2.68 5.58
CA ALA A 75 -29.73 1.80 5.29
C ALA A 75 -29.13 1.98 3.88
N GLU A 76 -29.95 1.89 2.84
CA GLU A 76 -29.50 2.06 1.45
C GLU A 76 -28.81 3.42 1.24
N ASP A 77 -29.39 4.49 1.75
CA ASP A 77 -28.80 5.82 1.63
C ASP A 77 -27.44 5.94 2.26
N ALA A 78 -27.29 5.32 3.43
CA ALA A 78 -26.04 5.35 4.15
C ALA A 78 -24.98 4.49 3.45
N LEU A 80 -24.90 3.78 -0.06
CA LEU A 80 -24.62 4.27 -1.42
C LEU A 80 -23.26 4.90 -1.67
N PRO A 81 -22.81 5.81 -0.79
CA PRO A 81 -21.50 6.48 -1.00
C PRO A 81 -20.27 5.55 -1.03
N PHE A 82 -20.41 4.33 -0.52
CA PHE A 82 -19.28 3.40 -0.45
C PHE A 82 -19.34 2.29 -1.48
N GLN A 83 -20.42 2.28 -2.27
CA GLN A 83 -20.68 1.26 -3.29
C GLN A 83 -19.63 1.22 -4.41
N ALA A 84 -19.29 2.37 -4.97
CA ALA A 84 -18.28 2.41 -6.05
C ALA A 84 -16.91 1.87 -5.58
N ALA A 85 -16.45 2.35 -4.42
CA ALA A 85 -15.17 1.93 -3.83
C ALA A 85 -15.12 0.42 -3.48
N VAL A 86 -16.17 -0.09 -2.84
CA VAL A 86 -16.25 -1.52 -2.51
C VAL A 86 -16.33 -2.37 -3.79
N ASP A 87 -17.20 -1.99 -4.72
CA ASP A 87 -17.30 -2.68 -6.02
C ASP A 87 -15.99 -2.64 -6.83
N TYR A 88 -15.30 -1.52 -6.78
CA TYR A 88 -14.05 -1.39 -7.49
C TYR A 88 -13.01 -2.35 -6.90
N PHE A 89 -12.87 -2.35 -5.58
CA PHE A 89 -11.93 -3.26 -4.90
C PHE A 89 -12.16 -4.73 -5.35
N HIS A 90 -13.43 -5.15 -5.43
CA HIS A 90 -13.73 -6.54 -5.79
C HIS A 90 -13.44 -6.81 -7.22
N SER A 91 -13.70 -5.83 -8.07
CA SER A 91 -13.42 -5.97 -9.47
C SER A 91 -11.91 -6.03 -9.70
N ARG A 92 -11.12 -5.51 -8.76
CA ARG A 92 -9.65 -5.54 -8.84
C ARG A 92 -9.04 -6.72 -8.09
N THR A 93 -9.88 -7.49 -7.40
CA THR A 93 -9.42 -8.66 -6.67
C THR A 93 -10.27 -9.87 -7.06
N ARG A 94 -10.36 -10.12 -8.36
CA ARG A 94 -11.11 -11.28 -8.92
C ARG A 94 -10.25 -12.54 -8.76
N PRO A 95 -10.66 -13.46 -7.88
CA PRO A 95 -9.80 -14.63 -7.64
C PRO A 95 -9.73 -15.56 -8.85
N ALA A 96 -8.57 -16.17 -9.07
CA ALA A 96 -8.38 -17.10 -10.21
C ALA A 96 -8.87 -18.50 -9.87
N ASP A 97 -8.91 -18.83 -8.59
CA ASP A 97 -9.38 -20.14 -8.18
C ASP A 97 -9.82 -20.09 -6.77
N TRP A 98 -10.27 -21.23 -6.26
CA TRP A 98 -10.80 -21.30 -4.89
C TRP A 98 -9.76 -21.00 -3.80
N TYR A 99 -8.50 -21.36 -4.03
CA TYR A 99 -7.44 -21.04 -3.05
C TYR A 99 -7.27 -19.52 -2.95
N GLU A 100 -7.36 -18.80 -4.06
CA GLU A 100 -7.33 -17.32 -3.97
C GLU A 100 -8.59 -16.76 -3.28
N SER A 101 -9.71 -17.41 -3.50
CA SER A 101 -10.93 -17.05 -2.80
C SER A 101 -10.83 -17.24 -1.30
N LEU A 102 -10.27 -18.38 -0.91
CA LEU A 102 -10.05 -18.71 0.49
C LEU A 102 -9.14 -17.66 1.13
N LYS A 104 -8.49 -14.58 0.01
CA LYS A 104 -9.19 -13.29 0.06
C LYS A 104 -10.12 -13.23 1.29
N ALA A 105 -10.88 -14.30 1.52
CA ALA A 105 -11.78 -14.36 2.71
C ALA A 105 -11.00 -14.14 3.99
N TYR A 106 -9.88 -14.86 4.13
CA TYR A 106 -8.99 -14.74 5.27
C TYR A 106 -8.44 -13.32 5.44
N VAL A 107 -7.87 -12.75 4.37
CA VAL A 107 -7.27 -11.41 4.40
C VAL A 107 -8.31 -10.35 4.77
N ILE A 108 -9.48 -10.39 4.12
CA ILE A 108 -10.63 -9.50 4.47
C ILE A 108 -11.18 -9.73 5.91
N ASP A 109 -11.16 -10.95 6.38
CA ASP A 109 -11.65 -11.25 7.73
C ASP A 109 -10.75 -10.72 8.84
N THR A 110 -9.44 -10.80 8.60
CA THR A 110 -8.45 -10.50 9.62
C THR A 110 -8.20 -9.02 9.68
N VAL A 111 -8.11 -8.40 8.53
CA VAL A 111 -7.97 -6.95 8.47
C VAL A 111 -9.20 -6.24 9.06
N SER A 112 -10.42 -6.66 8.71
CA SER A 112 -11.63 -6.07 9.27
C SER A 112 -11.67 -6.22 10.80
N ALA A 113 -11.33 -7.38 11.34
CA ALA A 113 -11.30 -7.58 12.79
C ALA A 113 -10.32 -6.61 13.49
N ASP A 114 -9.14 -6.42 12.87
CA ASP A 114 -8.10 -5.48 13.35
C ASP A 114 -8.63 -4.08 13.38
N PHE A 115 -9.25 -3.70 12.27
CA PHE A 115 -9.84 -2.38 12.15
C PHE A 115 -10.88 -2.15 13.24
N TYR A 116 -11.71 -3.15 13.50
CA TYR A 116 -12.75 -3.00 14.52
C TYR A 116 -12.16 -2.79 15.91
N ARG A 117 -11.11 -3.53 16.25
CA ARG A 117 -10.44 -3.33 17.52
C ARG A 117 -9.84 -1.93 17.56
N ALA A 118 -9.35 -1.44 16.42
CA ALA A 118 -8.73 -0.10 16.34
C ALA A 118 -9.73 1.04 16.59
N ILE A 119 -10.82 1.05 15.84
CA ILE A 119 -11.81 2.11 15.95
C ILE A 119 -12.72 2.00 17.19
N SER A 120 -12.71 0.85 17.84
CA SER A 120 -13.53 0.60 19.03
C SER A 120 -13.24 1.57 20.18
N ARG A 121 -12.06 2.18 20.15
CA ARG A 121 -11.61 3.09 21.18
C ARG A 121 -12.17 4.50 21.02
N TYR A 122 -12.41 4.90 19.77
CA TYR A 122 -12.91 6.24 19.42
C TYR A 122 -14.43 6.42 19.37
N VAL A 123 -15.17 5.32 19.45
CA VAL A 123 -16.65 5.38 19.44
C VAL A 123 -17.27 5.10 20.81
N ASP A 124 -18.56 5.44 20.91
CA ASP A 124 -19.34 5.25 22.12
C ASP A 124 -19.55 3.76 22.42
N ALA A 125 -19.98 3.48 23.65
CA ALA A 125 -20.17 2.12 24.16
C ALA A 125 -21.23 1.34 23.42
N GLY A 126 -22.24 2.05 22.90
CA GLY A 126 -23.31 1.44 22.11
C GLY A 126 -22.88 1.06 20.70
N THR A 127 -22.01 1.88 20.09
CA THR A 127 -21.45 1.59 18.77
C THR A 127 -20.42 0.49 18.92
N ARG A 128 -19.59 0.61 19.95
CA ARG A 128 -18.63 -0.40 20.31
C ARG A 128 -19.32 -1.75 20.49
N ASP A 129 -20.53 -1.72 21.05
CA ASP A 129 -21.33 -2.91 21.36
C ASP A 129 -21.72 -3.66 20.11
N VAL A 130 -22.16 -2.89 19.10
CA VAL A 130 -22.49 -3.45 17.80
C VAL A 130 -21.26 -4.03 17.09
N ILE A 131 -20.10 -3.41 17.31
CA ILE A 131 -18.87 -3.82 16.64
C ILE A 131 -18.33 -5.12 17.22
N GLU A 132 -18.49 -5.29 18.53
CA GLU A 132 -18.05 -6.50 19.25
C GLU A 132 -18.92 -7.71 18.93
N GLN A 133 -20.17 -7.47 18.53
CA GLN A 133 -21.08 -8.53 18.07
C GLN A 133 -20.66 -9.04 16.69
N ILE A 134 -20.24 -8.12 15.83
CA ILE A 134 -19.79 -8.44 14.48
C ILE A 134 -18.37 -9.00 14.44
N GLN A 135 -17.58 -8.69 15.47
CA GLN A 135 -16.16 -8.95 15.42
C GLN A 135 -15.83 -10.44 15.34
N ALA A 136 -15.05 -10.78 14.29
CA ALA A 136 -14.67 -12.15 13.98
C ALA A 136 -13.93 -12.87 15.11
N SER A 137 -14.44 -14.04 15.51
CA SER A 137 -13.80 -14.84 16.56
C SER A 137 -12.40 -15.32 16.15
N ASP A 138 -11.58 -15.62 17.15
CA ASP A 138 -10.22 -16.12 16.93
C ASP A 138 -10.27 -17.46 16.20
N GLU A 139 -11.23 -18.29 16.63
CA GLU A 139 -11.43 -19.64 16.11
C GLU A 139 -12.00 -19.68 14.70
N THR A 140 -12.77 -18.66 14.33
CA THR A 140 -13.36 -18.57 12.99
C THR A 140 -12.28 -18.33 11.96
N THR A 141 -11.47 -17.31 12.24
CA THR A 141 -10.32 -16.94 11.44
C THR A 141 -9.31 -18.09 11.35
N GLU A 142 -9.14 -18.84 12.45
CA GLU A 142 -8.17 -19.96 12.51
C GLU A 142 -8.56 -21.12 11.59
N VAL A 143 -9.88 -21.27 11.35
CA VAL A 143 -10.39 -22.31 10.47
C VAL A 143 -9.93 -22.07 9.01
N LEU A 144 -10.03 -20.82 8.56
CA LEU A 144 -9.59 -20.42 7.21
C LEU A 144 -8.08 -20.46 7.13
N ARG A 145 -7.41 -19.93 8.15
CA ARG A 145 -5.92 -19.97 8.23
C ARG A 145 -5.37 -21.38 8.11
N GLU A 146 -5.94 -22.29 8.90
CA GLU A 146 -5.58 -23.70 8.88
C GLU A 146 -5.84 -24.37 7.54
N ARG A 147 -6.95 -24.02 6.88
CA ARG A 147 -7.21 -24.58 5.55
C ARG A 147 -6.17 -24.05 4.53
N LEU A 148 -5.81 -22.79 4.64
CA LEU A 148 -4.73 -22.19 3.84
C LEU A 148 -3.35 -22.85 4.08
N ARG A 149 -2.97 -23.00 5.33
CA ARG A 149 -1.72 -23.64 5.74
C ARG A 149 -1.63 -25.04 5.13
N SER A 150 -2.70 -25.80 5.29
CA SER A 150 -2.82 -27.14 4.75
C SER A 150 -2.68 -27.20 3.23
N ALA A 151 -3.25 -26.22 2.52
CA ALA A 151 -3.16 -26.16 1.07
C ALA A 151 -1.71 -25.85 0.66
N LEU A 152 -1.09 -24.89 1.33
CA LEU A 152 0.30 -24.49 1.08
C LEU A 152 1.30 -25.59 1.42
N ALA A 153 0.97 -26.37 2.45
CA ALA A 153 1.77 -27.51 2.85
C ALA A 153 1.73 -28.61 1.78
N ASP A 154 0.57 -28.78 1.13
CA ASP A 154 0.37 -29.85 0.15
C ASP A 154 0.92 -29.52 -1.23
N ASP A 155 0.89 -28.25 -1.63
CA ASP A 155 1.34 -27.85 -2.98
C ASP A 155 2.42 -26.77 -2.89
N PRO A 156 3.63 -27.07 -3.41
CA PRO A 156 4.77 -26.12 -3.42
C PRO A 156 4.65 -24.95 -4.39
N ARG A 157 3.98 -25.14 -5.53
CA ARG A 157 3.77 -24.07 -6.51
C ARG A 157 2.79 -22.98 -6.02
N LEU A 158 2.04 -23.31 -4.97
CA LEU A 158 0.98 -22.47 -4.46
C LEU A 158 1.46 -21.20 -3.73
N ALA A 159 2.47 -21.35 -2.88
CA ALA A 159 2.98 -20.27 -2.06
C ALA A 159 3.32 -19.00 -2.82
N SER A 160 4.11 -19.14 -3.85
CA SER A 160 4.53 -17.99 -4.65
C SER A 160 3.34 -17.24 -5.28
N ARG A 161 2.35 -17.99 -5.79
CA ARG A 161 1.13 -17.41 -6.35
C ARG A 161 0.27 -16.72 -5.27
N LEU A 162 0.07 -17.33 -4.11
CA LEU A 162 -0.72 -16.67 -3.04
C LEU A 162 0.00 -15.49 -2.35
N ALA A 163 1.34 -15.50 -2.40
CA ALA A 163 2.14 -14.39 -1.84
C ALA A 163 1.90 -13.14 -2.66
N LEU A 164 1.90 -13.31 -3.97
CA LEU A 164 1.60 -12.24 -4.89
C LEU A 164 0.21 -11.70 -4.65
N TRP A 165 -0.75 -12.61 -4.65
CA TRP A 165 -2.15 -12.36 -4.40
C TRP A 165 -2.37 -11.60 -3.06
N GLY A 166 -1.72 -12.12 -2.01
CA GLY A 166 -1.71 -11.44 -0.71
C GLY A 166 -1.29 -9.98 -0.81
N ARG A 167 -0.21 -9.75 -1.55
CA ARG A 167 0.31 -8.39 -1.76
C ARG A 167 -0.66 -7.54 -2.56
N ARG A 168 -1.32 -8.15 -3.54
CA ARG A 168 -2.32 -7.48 -4.37
C ARG A 168 -3.55 -7.07 -3.57
N LEU A 169 -4.07 -7.98 -2.75
CA LEU A 169 -5.21 -7.70 -1.88
C LEU A 169 -4.90 -6.50 -0.94
N LEU A 170 -3.71 -6.47 -0.38
CA LEU A 170 -3.31 -5.36 0.49
C LEU A 170 -3.29 -4.04 -0.28
N GLY A 171 -2.57 -4.02 -1.40
CA GLY A 171 -2.52 -2.84 -2.26
C GLY A 171 -3.87 -2.28 -2.67
N GLU A 172 -4.76 -3.16 -3.13
CA GLU A 172 -6.08 -2.71 -3.57
C GLU A 172 -6.94 -2.19 -2.43
N ALA A 173 -6.82 -2.82 -1.25
CA ALA A 173 -7.58 -2.39 -0.05
C ALA A 173 -7.05 -1.07 0.52
N LEU A 174 -5.74 -0.90 0.49
CA LEU A 174 -5.10 0.39 0.82
C LEU A 174 -5.50 1.53 -0.15
N THR A 175 -5.54 1.23 -1.45
CA THR A 175 -5.96 2.20 -2.46
C THR A 175 -7.39 2.69 -2.24
N GLN A 176 -8.28 1.78 -1.85
CA GLN A 176 -9.67 2.15 -1.63
C GLN A 176 -9.91 2.81 -0.27
N ALA A 177 -9.12 2.42 0.73
CA ALA A 177 -9.13 3.06 2.03
C ALA A 177 -8.79 4.53 1.90
N GLN A 178 -7.79 4.84 1.06
CA GLN A 178 -7.36 6.22 0.84
C GLN A 178 -8.34 7.02 -0.02
N ARG A 179 -8.90 6.38 -1.05
CA ARG A 179 -9.96 7.00 -1.86
C ARG A 179 -11.17 7.35 -0.99
N VAL A 180 -11.54 6.45 -0.08
CA VAL A 180 -12.66 6.73 0.82
C VAL A 180 -12.35 7.88 1.78
N SER A 181 -11.12 7.96 2.29
CA SER A 181 -10.75 9.07 3.18
C SER A 181 -10.62 10.42 2.43
N TYR A 182 -10.26 10.37 1.15
CA TYR A 182 -10.25 11.57 0.33
C TYR A 182 -11.67 11.92 -0.08
N GLU A 183 -12.28 11.07 -0.91
CA GLU A 183 -13.59 11.32 -1.56
C GLU A 183 -14.82 11.55 -0.65
N HIS A 184 -14.86 10.91 0.51
CA HIS A 184 -16.02 10.99 1.42
C HIS A 184 -15.59 10.61 2.83
N ALA A 185 -14.92 11.54 3.51
CA ALA A 185 -14.42 11.25 4.86
C ALA A 185 -15.43 11.45 5.99
N PHE A 186 -15.32 10.51 6.94
CA PHE A 186 -16.03 10.47 8.25
C PHE A 186 -15.05 9.93 9.31
N LEU A 187 -14.06 9.13 8.87
CA LEU A 187 -13.03 8.50 9.72
C LEU A 187 -12.15 9.46 10.51
N GLY A 188 -11.64 10.49 9.84
CA GLY A 188 -10.83 11.50 10.50
C GLY A 188 -11.60 12.30 11.54
N SER A 189 -12.92 12.36 11.36
CA SER A 189 -13.80 13.06 12.30
C SER A 189 -14.13 12.17 13.49
N LEU A 190 -14.09 10.85 13.30
CA LEU A 190 -14.24 9.91 14.42
C LEU A 190 -12.92 9.65 15.16
N ILE A 191 -11.79 9.77 14.46
CA ILE A 191 -10.49 9.42 15.04
C ILE A 191 -9.91 10.61 15.80
N ALA A 197 -7.58 17.72 8.07
CA ALA A 197 -6.36 17.32 7.35
C ALA A 197 -5.33 16.63 8.27
N ALA A 198 -5.13 17.18 9.47
CA ALA A 198 -4.22 16.61 10.47
C ALA A 198 -4.81 15.34 11.06
N ALA A 199 -6.15 15.24 11.04
CA ALA A 199 -6.89 14.06 11.49
C ALA A 199 -6.82 12.92 10.45
N LYS A 200 -6.70 13.32 9.17
CA LYS A 200 -6.51 12.37 8.07
C LYS A 200 -5.18 11.63 8.30
N GLU A 201 -4.20 12.34 8.86
CA GLU A 201 -2.91 11.71 9.12
C GLU A 201 -2.99 10.69 10.24
N LEU A 202 -3.86 10.91 11.22
CA LEU A 202 -4.08 9.92 12.29
C LEU A 202 -4.70 8.66 11.65
N VAL A 203 -5.57 8.88 10.66
CA VAL A 203 -6.21 7.79 9.95
C VAL A 203 -5.13 6.95 9.24
N SER A 204 -4.11 7.60 8.69
CA SER A 204 -3.01 6.89 8.02
C SER A 204 -2.20 6.03 8.99
N GLY A 205 -1.99 6.51 10.19
CA GLY A 205 -1.35 5.72 11.23
C GLY A 205 -2.10 4.43 11.55
N LEU A 206 -3.44 4.51 11.53
CA LEU A 206 -4.30 3.36 11.78
C LEU A 206 -4.17 2.36 10.63
N ILE A 207 -4.25 2.88 9.41
CA ILE A 207 -4.15 2.11 8.17
C ILE A 207 -2.80 1.36 8.06
N ALA A 208 -1.73 2.03 8.46
CA ALA A 208 -0.40 1.45 8.44
C ALA A 208 -0.28 0.31 9.48
N GLY A 209 -0.93 0.50 10.63
CA GLY A 209 -0.97 -0.52 11.66
C GLY A 209 -1.61 -1.79 11.14
N LEU A 210 -2.68 -1.64 10.35
CA LEU A 210 -3.38 -2.76 9.71
C LEU A 210 -2.47 -3.45 8.71
N ALA A 211 -1.81 -2.66 7.85
CA ALA A 211 -0.84 -3.18 6.89
C ALA A 211 0.22 -4.03 7.59
N GLU A 212 0.72 -3.53 8.72
CA GLU A 212 1.79 -4.21 9.45
C GLU A 212 1.33 -5.57 10.03
N LYS A 213 0.09 -5.66 10.53
CA LYS A 213 -0.41 -6.92 11.09
C LYS A 213 -0.69 -7.92 9.98
N HIS A 214 -1.13 -7.43 8.82
CA HIS A 214 -1.37 -8.27 7.64
C HIS A 214 -0.09 -8.96 7.22
N SER A 215 1.00 -8.19 7.27
CA SER A 215 2.30 -8.64 6.86
C SER A 215 2.87 -9.70 7.81
N LYS A 216 2.68 -9.54 9.12
CA LYS A 216 3.07 -10.57 10.09
C LYS A 216 2.30 -11.86 9.80
N ARG A 217 1.03 -11.73 9.47
CA ARG A 217 0.20 -12.89 9.15
C ARG A 217 0.63 -13.63 7.89
N THR A 219 3.77 -13.78 6.67
CA THR A 219 4.99 -14.48 7.07
C THR A 219 4.66 -15.80 7.79
N GLN A 220 3.61 -15.78 8.61
CA GLN A 220 3.18 -16.96 9.33
C GLN A 220 2.50 -17.99 8.45
N LEU A 221 2.20 -17.63 7.21
CA LEU A 221 1.78 -18.61 6.20
C LEU A 221 2.99 -18.98 5.31
N GLY A 222 4.18 -18.52 5.71
CA GLY A 222 5.40 -18.79 4.95
C GLY A 222 5.41 -18.05 3.62
N LEU A 223 4.68 -16.93 3.56
CA LEU A 223 4.63 -16.10 2.34
C LEU A 223 5.54 -14.88 2.54
N THR A 224 6.07 -14.30 1.46
CA THR A 224 6.83 -13.04 1.60
C THR A 224 5.83 -11.89 1.39
N SER B 5 -37.11 -55.67 12.64
CA SER B 5 -35.76 -56.28 12.87
C SER B 5 -34.66 -55.21 12.76
N PRO B 6 -33.51 -55.43 13.43
CA PRO B 6 -32.36 -54.52 13.30
C PRO B 6 -31.85 -54.43 11.86
N ALA B 7 -32.15 -55.44 11.04
CA ALA B 7 -31.78 -55.48 9.63
C ALA B 7 -32.65 -54.54 8.81
N ASP B 8 -33.97 -54.63 8.98
CA ASP B 8 -34.91 -53.75 8.24
C ASP B 8 -34.78 -52.29 8.64
N THR B 9 -34.43 -52.07 9.90
CA THR B 9 -34.11 -50.77 10.45
C THR B 9 -32.93 -50.18 9.69
N ALA B 10 -31.85 -50.96 9.59
CA ALA B 10 -30.62 -50.58 8.88
C ALA B 10 -30.91 -50.23 7.45
N ARG B 11 -31.73 -51.06 6.80
CA ARG B 11 -32.16 -50.83 5.41
C ARG B 11 -32.90 -49.50 5.25
N TYR B 12 -33.85 -49.27 6.15
CA TYR B 12 -34.69 -48.04 6.17
C TYR B 12 -33.85 -46.81 6.46
N ASN B 13 -32.91 -46.96 7.38
CA ASN B 13 -32.00 -45.86 7.71
C ASN B 13 -31.08 -45.49 6.54
N ARG B 14 -30.73 -46.45 5.71
CA ARG B 14 -29.92 -46.15 4.52
C ARG B 14 -30.72 -45.34 3.51
N PHE B 15 -32.04 -45.54 3.46
CA PHE B 15 -32.87 -44.79 2.53
C PHE B 15 -33.18 -43.41 3.09
N VAL B 16 -33.32 -43.30 4.40
CA VAL B 16 -33.49 -42.00 5.05
C VAL B 16 -32.19 -41.20 4.88
N ALA B 17 -31.06 -41.90 4.90
CA ALA B 17 -29.74 -41.27 4.62
C ALA B 17 -29.67 -40.74 3.18
N ASP B 18 -30.20 -41.51 2.23
CA ASP B 18 -30.29 -41.10 0.82
C ASP B 18 -31.16 -39.86 0.65
N LEU B 19 -32.31 -39.87 1.32
CA LEU B 19 -33.22 -38.73 1.30
C LEU B 19 -32.54 -37.46 1.78
N PHE B 20 -31.90 -37.53 2.94
CA PHE B 20 -31.24 -36.36 3.52
C PHE B 20 -30.05 -35.94 2.67
N GLY B 21 -29.34 -36.90 2.08
CA GLY B 21 -28.22 -36.59 1.18
C GLY B 21 -28.70 -35.72 0.03
N ALA B 24 -29.81 -32.26 1.39
CA ALA B 24 -28.65 -31.42 1.82
C ALA B 24 -27.91 -30.84 0.63
N TYR B 25 -27.71 -31.67 -0.37
CA TYR B 25 -27.00 -31.24 -1.56
C TYR B 25 -27.84 -30.24 -2.37
N GLY B 26 -29.13 -30.52 -2.51
CA GLY B 26 -30.00 -29.56 -3.18
C GLY B 26 -29.99 -28.19 -2.50
N GLU B 27 -30.02 -28.18 -1.18
CA GLU B 27 -30.09 -26.95 -0.36
C GLU B 27 -28.79 -26.18 -0.41
N LEU B 28 -27.67 -26.90 -0.27
CA LEU B 28 -26.34 -26.31 -0.47
C LEU B 28 -26.27 -25.69 -1.89
N SER B 29 -26.71 -26.43 -2.90
CA SER B 29 -26.69 -25.93 -4.25
C SER B 29 -27.58 -24.73 -4.44
N ALA B 30 -28.79 -24.78 -3.88
CA ALA B 30 -29.76 -23.67 -3.95
C ALA B 30 -29.14 -22.42 -3.31
N PHE B 31 -28.50 -22.59 -2.17
CA PHE B 31 -27.82 -21.50 -1.52
C PHE B 31 -26.90 -20.76 -2.49
N GLU B 32 -26.00 -21.49 -3.15
CA GLU B 32 -24.99 -20.97 -4.07
C GLU B 32 -25.59 -20.31 -5.31
N ARG B 33 -26.52 -21.00 -5.96
CA ARG B 33 -27.19 -20.47 -7.13
C ARG B 33 -28.08 -19.26 -6.85
N PHE B 34 -28.92 -19.30 -5.79
CA PHE B 34 -29.76 -18.15 -5.47
C PHE B 34 -28.93 -16.91 -5.18
N SER B 35 -27.80 -17.10 -4.51
CA SER B 35 -26.91 -16.00 -4.17
C SER B 35 -26.18 -15.44 -5.38
N ALA B 36 -25.87 -16.28 -6.35
CA ALA B 36 -25.22 -15.86 -7.59
C ALA B 36 -26.09 -14.93 -8.45
N ASP B 37 -27.40 -14.99 -8.29
CA ASP B 37 -28.35 -14.18 -9.08
C ASP B 37 -28.38 -12.71 -8.63
N ALA B 38 -27.33 -12.29 -7.91
CA ALA B 38 -27.22 -10.94 -7.35
C ALA B 38 -26.87 -9.87 -8.39
N ARG B 39 -26.22 -10.29 -9.49
CA ARG B 39 -25.89 -9.34 -10.58
C ARG B 39 -27.14 -8.75 -11.24
N TYR B 40 -28.28 -9.40 -11.05
CA TYR B 40 -29.53 -8.97 -11.64
C TYR B 40 -30.39 -8.06 -10.77
N SER B 41 -30.11 -8.00 -9.47
CA SER B 41 -30.92 -7.19 -8.54
C SER B 41 -31.16 -5.80 -9.11
N PRO B 42 -32.43 -5.41 -9.26
CA PRO B 42 -32.74 -4.09 -9.82
C PRO B 42 -32.23 -2.95 -8.98
N THR B 43 -32.38 -3.08 -7.66
CA THR B 43 -32.00 -2.04 -6.71
C THR B 43 -31.16 -2.68 -5.62
N LEU B 44 -30.65 -1.84 -4.71
CA LEU B 44 -29.81 -2.27 -3.61
C LEU B 44 -30.63 -2.99 -2.55
N HIS B 45 -31.89 -2.60 -2.42
CA HIS B 45 -32.81 -3.24 -1.47
C HIS B 45 -33.11 -4.65 -1.94
N ASP B 46 -33.16 -4.83 -3.27
CA ASP B 46 -33.43 -6.15 -3.85
C ASP B 46 -32.28 -7.13 -3.64
N ARG B 47 -31.09 -6.61 -3.33
CA ARG B 47 -29.93 -7.47 -3.11
C ARG B 47 -30.18 -8.32 -1.88
N ALA B 48 -30.78 -7.72 -0.86
CA ALA B 48 -31.18 -8.44 0.36
C ALA B 48 -32.26 -9.51 0.11
N VAL B 49 -33.04 -9.36 -0.96
CA VAL B 49 -34.15 -10.26 -1.27
C VAL B 49 -33.70 -11.69 -1.55
N LEU B 50 -32.90 -11.91 -2.60
CA LEU B 50 -32.31 -13.25 -2.87
C LEU B 50 -31.30 -13.71 -1.79
N GLY B 51 -30.65 -12.77 -1.12
CA GLY B 51 -29.69 -13.05 -0.06
C GLY B 51 -30.29 -13.80 1.11
N ARG B 52 -31.41 -13.28 1.61
CA ARG B 52 -32.16 -13.90 2.70
C ARG B 52 -32.70 -15.25 2.28
N ILE B 53 -33.21 -15.32 1.05
CA ILE B 53 -33.70 -16.58 0.53
C ILE B 53 -32.55 -17.62 0.51
N ALA B 54 -31.36 -17.19 0.08
CA ALA B 54 -30.18 -18.05 -0.05
C ALA B 54 -29.66 -18.51 1.31
N VAL B 55 -29.67 -17.61 2.28
CA VAL B 55 -29.21 -17.93 3.63
C VAL B 55 -30.10 -18.97 4.32
N VAL B 56 -31.42 -18.84 4.14
CA VAL B 56 -32.36 -19.88 4.61
C VAL B 56 -32.01 -21.27 4.05
N GLU B 57 -31.60 -21.34 2.78
CA GLU B 57 -31.17 -22.60 2.17
C GLU B 57 -29.93 -23.19 2.86
N PHE B 58 -28.94 -22.35 3.11
CA PHE B 58 -27.75 -22.81 3.81
C PHE B 58 -28.06 -23.32 5.22
N ARG B 59 -28.96 -22.66 5.93
CA ARG B 59 -29.36 -23.09 7.27
C ARG B 59 -30.06 -24.46 7.22
N HIS B 60 -30.89 -24.69 6.19
CA HIS B 60 -31.51 -26.02 6.00
C HIS B 60 -30.45 -27.07 5.77
N TYR B 61 -29.51 -26.80 4.84
CA TYR B 61 -28.39 -27.70 4.57
C TYR B 61 -27.65 -28.09 5.89
N GLU B 62 -27.35 -27.12 6.74
CA GLU B 62 -26.69 -27.34 8.03
C GLU B 62 -27.48 -28.20 8.97
N LEU B 63 -28.78 -27.98 9.00
CA LEU B 63 -29.73 -28.76 9.82
C LEU B 63 -29.78 -30.21 9.35
N VAL B 64 -29.83 -30.40 8.02
CA VAL B 64 -29.90 -31.76 7.43
C VAL B 64 -28.56 -32.52 7.55
N SER B 65 -27.46 -31.82 7.32
CA SER B 65 -26.12 -32.37 7.51
C SER B 65 -25.85 -32.74 8.97
N ALA B 66 -26.35 -31.94 9.90
CA ALA B 66 -26.21 -32.23 11.34
C ALA B 66 -26.93 -33.55 11.67
N ARG B 67 -28.13 -33.72 11.14
CA ARG B 67 -28.90 -34.96 11.31
C ARG B 67 -28.16 -36.18 10.77
N LEU B 68 -27.61 -36.07 9.56
CA LEU B 68 -26.81 -37.14 9.00
C LEU B 68 -25.65 -37.47 9.97
N GLU B 69 -24.99 -36.43 10.46
CA GLU B 69 -23.88 -36.62 11.42
C GLU B 69 -24.31 -37.35 12.69
N ALA B 70 -25.51 -37.00 13.19
CA ALA B 70 -26.09 -37.64 14.39
C ALA B 70 -26.45 -39.12 14.18
N GLY B 72 -24.40 -40.86 12.31
CA GLY B 72 -23.07 -41.42 12.05
C GLY B 72 -22.75 -41.57 10.57
N ILE B 73 -23.26 -40.66 9.76
CA ILE B 73 -23.01 -40.70 8.32
C ILE B 73 -22.35 -39.41 7.99
N ASP B 74 -21.25 -39.51 7.24
CA ASP B 74 -20.62 -38.33 6.68
C ASP B 74 -21.60 -37.71 5.68
N ALA B 75 -21.88 -36.42 5.80
CA ALA B 75 -22.81 -35.75 4.89
C ALA B 75 -22.32 -35.90 3.44
N GLU B 76 -21.04 -35.64 3.22
CA GLU B 76 -20.41 -35.72 1.90
C GLU B 76 -20.72 -36.99 1.18
N ASP B 77 -20.47 -38.11 1.87
CA ASP B 77 -20.76 -39.44 1.34
C ASP B 77 -22.22 -39.57 0.96
N ALA B 78 -23.12 -39.11 1.82
CA ALA B 78 -24.54 -39.24 1.55
C ALA B 78 -24.99 -38.35 0.39
N LEU B 80 -22.95 -37.19 -2.24
CA LEU B 80 -22.22 -37.45 -3.49
C LEU B 80 -23.07 -38.05 -4.62
N PRO B 81 -23.89 -39.08 -4.32
CA PRO B 81 -24.68 -39.68 -5.41
C PRO B 81 -25.65 -38.74 -6.13
N PHE B 82 -26.00 -37.63 -5.51
CA PHE B 82 -26.96 -36.69 -6.12
C PHE B 82 -26.31 -35.46 -6.72
N GLN B 83 -24.99 -35.36 -6.61
CA GLN B 83 -24.24 -34.19 -7.08
C GLN B 83 -24.36 -33.98 -8.57
N ALA B 84 -24.15 -35.04 -9.34
CA ALA B 84 -24.12 -34.90 -10.80
C ALA B 84 -25.46 -34.44 -11.34
N ALA B 85 -26.53 -35.04 -10.83
CA ALA B 85 -27.90 -34.71 -11.22
C ALA B 85 -28.29 -33.31 -10.81
N VAL B 86 -28.03 -32.95 -9.57
CA VAL B 86 -28.43 -31.63 -9.11
C VAL B 86 -27.61 -30.57 -9.85
N ASP B 87 -26.32 -30.81 -10.06
CA ASP B 87 -25.48 -29.84 -10.76
C ASP B 87 -25.97 -29.63 -12.18
N TYR B 88 -26.38 -30.74 -12.82
CA TYR B 88 -26.81 -30.73 -14.19
C TYR B 88 -28.07 -29.89 -14.33
N PHE B 89 -29.04 -30.14 -13.46
CA PHE B 89 -30.28 -29.42 -13.42
C PHE B 89 -30.00 -27.91 -13.35
N HIS B 90 -29.10 -27.51 -12.47
CA HIS B 90 -28.74 -26.09 -12.32
C HIS B 90 -28.00 -25.45 -13.48
N SER B 91 -27.10 -26.19 -14.13
CA SER B 91 -26.43 -25.66 -15.33
C SER B 91 -27.41 -25.55 -16.51
N ARG B 92 -28.49 -26.35 -16.51
CA ARG B 92 -29.46 -26.26 -17.59
C ARG B 92 -30.54 -25.25 -17.29
N THR B 93 -30.47 -24.58 -16.14
CA THR B 93 -31.50 -23.60 -15.74
C THR B 93 -30.92 -22.34 -15.10
N ARG B 94 -29.91 -21.76 -15.72
CA ARG B 94 -29.26 -20.54 -15.22
C ARG B 94 -30.09 -19.31 -15.63
N PRO B 95 -30.67 -18.59 -14.65
CA PRO B 95 -31.48 -17.40 -14.99
C PRO B 95 -30.70 -16.30 -15.74
N ALA B 96 -31.35 -15.60 -16.66
CA ALA B 96 -30.70 -14.59 -17.46
C ALA B 96 -31.05 -13.18 -16.98
N ASP B 97 -31.99 -13.10 -16.03
CA ASP B 97 -32.38 -11.84 -15.46
C ASP B 97 -33.05 -12.04 -14.11
N TRP B 98 -33.41 -10.92 -13.48
CA TRP B 98 -34.01 -10.84 -12.15
C TRP B 98 -35.24 -11.73 -11.97
N TYR B 99 -36.13 -11.64 -12.94
CA TYR B 99 -37.40 -12.32 -12.88
C TYR B 99 -37.32 -13.80 -13.08
N GLU B 100 -36.42 -14.24 -13.96
CA GLU B 100 -36.13 -15.66 -14.10
C GLU B 100 -35.52 -16.23 -12.80
N SER B 101 -34.72 -15.43 -12.09
CA SER B 101 -34.16 -15.86 -10.81
C SER B 101 -35.26 -16.04 -9.78
N LEU B 102 -36.13 -15.05 -9.67
CA LEU B 102 -37.22 -15.07 -8.72
C LEU B 102 -38.12 -16.25 -9.04
N LYS B 104 -37.43 -19.08 -10.63
CA LYS B 104 -36.77 -20.33 -10.26
C LYS B 104 -36.81 -20.58 -8.74
N ALA B 105 -36.59 -19.54 -7.95
CA ALA B 105 -36.64 -19.67 -6.50
C ALA B 105 -38.03 -20.10 -6.08
N TYR B 106 -39.03 -19.43 -6.65
CA TYR B 106 -40.42 -19.68 -6.38
C TYR B 106 -40.85 -21.12 -6.72
N VAL B 107 -40.49 -21.55 -7.93
CA VAL B 107 -40.78 -22.89 -8.43
C VAL B 107 -40.11 -24.00 -7.60
N ILE B 108 -38.86 -23.80 -7.20
CA ILE B 108 -38.14 -24.79 -6.41
C ILE B 108 -38.72 -24.84 -5.00
N ASP B 109 -38.97 -23.68 -4.41
CA ASP B 109 -39.49 -23.62 -3.07
C ASP B 109 -40.88 -24.21 -2.94
N THR B 110 -41.73 -23.95 -3.92
CA THR B 110 -43.11 -24.46 -3.92
C THR B 110 -43.15 -25.96 -4.21
N VAL B 111 -42.45 -26.42 -5.26
CA VAL B 111 -42.36 -27.87 -5.59
C VAL B 111 -41.76 -28.73 -4.46
N SER B 112 -40.72 -28.23 -3.81
CA SER B 112 -40.04 -28.93 -2.73
C SER B 112 -40.93 -29.02 -1.48
N ALA B 113 -41.69 -27.95 -1.20
CA ALA B 113 -42.65 -27.94 -0.10
C ALA B 113 -43.77 -28.96 -0.32
N ASP B 114 -44.26 -29.07 -1.55
CA ASP B 114 -45.21 -30.14 -1.91
C ASP B 114 -44.57 -31.51 -1.70
N PHE B 115 -43.33 -31.66 -2.11
CA PHE B 115 -42.62 -32.92 -1.95
C PHE B 115 -42.60 -33.32 -0.46
N TYR B 116 -42.23 -32.40 0.41
CA TYR B 116 -42.15 -32.72 1.83
C TYR B 116 -43.50 -33.10 2.41
N ARG B 117 -44.57 -32.44 1.99
CA ARG B 117 -45.91 -32.82 2.43
C ARG B 117 -46.32 -34.20 1.94
N ALA B 118 -45.83 -34.62 0.77
CA ALA B 118 -46.18 -35.92 0.20
C ALA B 118 -45.47 -37.10 0.89
N ILE B 119 -44.23 -36.90 1.31
CA ILE B 119 -43.48 -38.00 1.92
C ILE B 119 -43.53 -38.03 3.47
N SER B 120 -43.77 -36.88 4.08
CA SER B 120 -43.83 -36.75 5.54
C SER B 120 -44.55 -37.89 6.26
N ARG B 121 -45.72 -38.26 5.76
CA ARG B 121 -46.55 -39.30 6.36
C ARG B 121 -45.91 -40.69 6.31
N TYR B 122 -44.97 -40.89 5.39
CA TYR B 122 -44.33 -42.19 5.21
C TYR B 122 -43.03 -42.38 6.01
N VAL B 123 -42.48 -41.31 6.59
CA VAL B 123 -41.23 -41.44 7.35
C VAL B 123 -41.48 -41.41 8.86
N ASP B 124 -40.48 -41.89 9.61
CA ASP B 124 -40.55 -41.90 11.05
C ASP B 124 -40.64 -40.48 11.59
N ALA B 125 -40.91 -40.40 12.90
CA ALA B 125 -41.10 -39.13 13.60
C ALA B 125 -39.86 -38.24 13.64
N GLY B 126 -38.69 -38.83 13.83
CA GLY B 126 -37.45 -38.06 13.92
C GLY B 126 -37.08 -37.41 12.59
N THR B 127 -37.42 -38.11 11.51
CA THR B 127 -37.18 -37.63 10.17
C THR B 127 -38.25 -36.62 9.80
N ARG B 128 -39.51 -36.87 10.20
CA ARG B 128 -40.59 -35.93 9.92
C ARG B 128 -40.26 -34.57 10.54
N ASP B 129 -39.68 -34.58 11.73
CA ASP B 129 -39.31 -33.38 12.47
C ASP B 129 -38.26 -32.51 11.76
N VAL B 130 -37.28 -33.15 11.14
CA VAL B 130 -36.26 -32.45 10.36
C VAL B 130 -36.94 -31.77 9.19
N ILE B 131 -37.71 -32.55 8.42
CA ILE B 131 -38.48 -32.04 7.29
C ILE B 131 -39.36 -30.86 7.73
N GLU B 132 -40.15 -31.07 8.78
CA GLU B 132 -41.00 -30.01 9.34
C GLU B 132 -40.26 -28.71 9.69
N GLN B 133 -39.03 -28.80 10.20
CA GLN B 133 -38.19 -27.60 10.40
C GLN B 133 -37.74 -27.00 9.06
N ILE B 134 -37.62 -27.84 8.03
CA ILE B 134 -37.21 -27.36 6.70
C ILE B 134 -38.34 -26.58 6.03
N GLN B 135 -39.59 -26.79 6.49
CA GLN B 135 -40.77 -26.11 5.94
C GLN B 135 -41.03 -24.73 6.55
N THR B 140 -42.52 -16.71 3.67
CA THR B 140 -41.49 -16.36 2.69
C THR B 140 -41.82 -16.73 1.24
N THR B 141 -42.87 -17.51 1.03
CA THR B 141 -43.30 -17.92 -0.32
C THR B 141 -44.17 -16.85 -0.95
N GLU B 142 -45.06 -16.26 -0.15
CA GLU B 142 -45.90 -15.17 -0.61
C GLU B 142 -45.07 -13.93 -0.93
N VAL B 143 -43.95 -13.75 -0.22
CA VAL B 143 -43.00 -12.69 -0.57
C VAL B 143 -42.52 -12.82 -2.03
N LEU B 144 -42.13 -14.03 -2.46
CA LEU B 144 -41.74 -14.30 -3.86
C LEU B 144 -42.93 -14.24 -4.84
N ARG B 145 -44.05 -14.84 -4.44
CA ARG B 145 -45.24 -14.88 -5.31
C ARG B 145 -45.78 -13.49 -5.60
N GLU B 146 -45.81 -12.63 -4.58
CA GLU B 146 -46.35 -11.29 -4.78
C GLU B 146 -45.39 -10.42 -5.58
N ARG B 147 -44.08 -10.68 -5.46
CA ARG B 147 -43.06 -10.03 -6.32
C ARG B 147 -43.30 -10.29 -7.80
N LEU B 148 -43.57 -11.56 -8.11
CA LEU B 148 -43.80 -12.02 -9.47
C LEU B 148 -45.14 -11.56 -9.99
N ARG B 149 -46.20 -11.80 -9.20
CA ARG B 149 -47.56 -11.39 -9.54
C ARG B 149 -47.64 -9.89 -9.85
N SER B 150 -47.06 -9.05 -8.97
CA SER B 150 -47.06 -7.59 -9.21
C SER B 150 -46.23 -7.18 -10.43
N ALA B 151 -45.15 -7.93 -10.72
CA ALA B 151 -44.32 -7.67 -11.91
C ALA B 151 -45.09 -8.00 -13.21
N LEU B 152 -45.82 -9.12 -13.20
CA LEU B 152 -46.58 -9.54 -14.38
C LEU B 152 -47.80 -8.65 -14.63
N ALA B 153 -48.34 -8.06 -13.56
CA ALA B 153 -49.47 -7.14 -13.67
C ALA B 153 -49.03 -5.84 -14.34
N ASP B 154 -47.76 -5.46 -14.16
CA ASP B 154 -47.23 -4.22 -14.72
C ASP B 154 -46.35 -4.42 -15.96
N ASP B 155 -46.15 -5.66 -16.37
CA ASP B 155 -45.43 -5.93 -17.61
C ASP B 155 -45.88 -7.23 -18.26
N PRO B 156 -47.00 -7.17 -18.97
CA PRO B 156 -47.46 -8.24 -19.86
C PRO B 156 -46.40 -8.96 -20.76
N ARG B 157 -45.31 -8.31 -21.20
CA ARG B 157 -44.26 -9.00 -22.01
C ARG B 157 -43.56 -10.14 -21.26
N LEU B 158 -43.44 -9.98 -19.95
CA LEU B 158 -42.85 -10.98 -19.07
C LEU B 158 -43.61 -12.30 -19.10
N ALA B 159 -44.92 -12.25 -19.26
CA ALA B 159 -45.79 -13.44 -19.24
C ALA B 159 -45.27 -14.58 -20.11
N SER B 160 -45.18 -14.33 -21.42
CA SER B 160 -44.77 -15.37 -22.36
C SER B 160 -43.37 -15.90 -22.07
N ARG B 161 -42.46 -15.03 -21.65
CA ARG B 161 -41.10 -15.40 -21.37
C ARG B 161 -40.96 -16.25 -20.07
N LEU B 162 -41.67 -15.86 -19.00
CA LEU B 162 -41.66 -16.59 -17.75
C LEU B 162 -42.41 -17.93 -17.87
N ALA B 163 -43.41 -17.97 -18.75
CA ALA B 163 -44.15 -19.21 -19.03
C ALA B 163 -43.19 -20.26 -19.59
N LEU B 164 -42.39 -19.85 -20.58
CA LEU B 164 -41.34 -20.70 -21.18
C LEU B 164 -40.31 -21.11 -20.14
N TRP B 165 -39.89 -20.16 -19.33
CA TRP B 165 -38.92 -20.39 -18.28
C TRP B 165 -39.48 -21.40 -17.28
N GLY B 166 -40.73 -21.20 -16.86
CA GLY B 166 -41.46 -22.15 -16.00
C GLY B 166 -41.47 -23.57 -16.53
N ARG B 167 -41.67 -23.74 -17.83
CA ARG B 167 -41.67 -25.06 -18.47
C ARG B 167 -40.30 -25.70 -18.56
N ARG B 168 -39.31 -24.88 -18.84
CA ARG B 168 -37.93 -25.35 -18.92
C ARG B 168 -37.50 -25.86 -17.56
N LEU B 169 -37.88 -25.13 -16.52
CA LEU B 169 -37.60 -25.54 -15.15
C LEU B 169 -38.26 -26.89 -14.85
N LEU B 170 -39.54 -27.02 -15.20
CA LEU B 170 -40.29 -28.28 -14.97
C LEU B 170 -39.64 -29.44 -15.73
N GLY B 171 -39.35 -29.23 -17.02
CA GLY B 171 -38.73 -30.26 -17.84
C GLY B 171 -37.36 -30.74 -17.34
N GLU B 172 -36.51 -29.80 -16.96
CA GLU B 172 -35.18 -30.15 -16.49
C GLU B 172 -35.22 -30.85 -15.16
N ALA B 173 -36.22 -30.55 -14.32
CA ALA B 173 -36.37 -31.20 -12.99
C ALA B 173 -36.84 -32.61 -13.17
N LEU B 174 -37.88 -32.78 -13.99
CA LEU B 174 -38.45 -34.09 -14.28
C LEU B 174 -37.44 -35.03 -14.87
N THR B 175 -36.59 -34.52 -15.77
CA THR B 175 -35.57 -35.38 -16.36
C THR B 175 -34.59 -35.92 -15.32
N GLN B 176 -34.20 -35.10 -14.36
CA GLN B 176 -33.32 -35.59 -13.31
C GLN B 176 -34.04 -36.54 -12.34
N ALA B 177 -35.32 -36.30 -12.06
CA ALA B 177 -36.08 -37.16 -11.14
C ALA B 177 -36.13 -38.55 -11.75
N GLN B 178 -36.40 -38.61 -13.04
CA GLN B 178 -36.36 -39.86 -13.78
C GLN B 178 -34.97 -40.52 -13.76
N ARG B 179 -33.90 -39.75 -13.94
CA ARG B 179 -32.53 -40.33 -14.00
C ARG B 179 -32.16 -40.89 -12.65
N VAL B 180 -32.44 -40.11 -11.60
CA VAL B 180 -32.15 -40.53 -10.23
C VAL B 180 -32.92 -41.81 -9.78
N SER B 181 -34.02 -42.16 -10.46
CA SER B 181 -34.74 -43.41 -10.18
C SER B 181 -34.01 -44.65 -10.68
N TYR B 182 -33.34 -44.54 -11.82
CA TYR B 182 -32.52 -45.64 -12.30
C TYR B 182 -31.14 -45.64 -11.67
N GLU B 183 -30.55 -44.46 -11.47
CA GLU B 183 -29.15 -44.39 -11.02
C GLU B 183 -28.94 -44.67 -9.53
N HIS B 184 -29.92 -44.33 -8.71
CA HIS B 184 -29.74 -44.38 -7.24
C HIS B 184 -31.11 -44.23 -6.58
N ALA B 185 -32.00 -45.18 -6.88
CA ALA B 185 -33.36 -45.15 -6.40
C ALA B 185 -33.48 -45.53 -4.94
N PHE B 186 -34.18 -44.70 -4.17
CA PHE B 186 -34.47 -44.93 -2.72
C PHE B 186 -35.92 -44.58 -2.31
N LEU B 187 -36.57 -43.75 -3.12
CA LEU B 187 -37.89 -43.18 -2.77
C LEU B 187 -39.02 -44.20 -2.79
N GLY B 188 -38.99 -45.13 -3.74
CA GLY B 188 -40.01 -46.16 -3.82
C GLY B 188 -40.12 -46.97 -2.55
N SER B 189 -39.01 -47.12 -1.83
CA SER B 189 -39.02 -47.84 -0.58
C SER B 189 -39.74 -47.06 0.51
N LEU B 190 -39.39 -45.79 0.67
CA LEU B 190 -39.96 -44.97 1.75
C LEU B 190 -41.48 -44.74 1.66
N ILE B 191 -42.09 -44.94 0.49
CA ILE B 191 -43.53 -44.70 0.29
C ILE B 191 -44.35 -45.95 -0.05
N ASP B 195 -42.65 -54.81 -3.11
CA ASP B 195 -42.66 -55.01 -4.55
C ASP B 195 -42.06 -53.81 -5.28
N SER B 196 -40.90 -54.00 -5.91
CA SER B 196 -40.18 -52.92 -6.60
C SER B 196 -40.79 -52.52 -7.96
N ALA B 197 -42.01 -53.00 -8.26
CA ALA B 197 -42.77 -52.60 -9.44
C ALA B 197 -43.83 -51.57 -9.02
N ALA B 198 -44.60 -51.92 -7.99
CA ALA B 198 -45.59 -51.02 -7.41
C ALA B 198 -44.93 -49.83 -6.68
N ALA B 199 -43.65 -49.99 -6.32
CA ALA B 199 -42.88 -48.90 -5.72
C ALA B 199 -42.58 -47.87 -6.78
N LYS B 200 -42.14 -48.33 -7.95
CA LYS B 200 -41.85 -47.44 -9.08
C LYS B 200 -43.11 -46.69 -9.54
N GLU B 201 -44.26 -47.34 -9.45
CA GLU B 201 -45.53 -46.74 -9.84
C GLU B 201 -45.91 -45.60 -8.90
N LEU B 202 -45.82 -45.87 -7.59
CA LEU B 202 -46.17 -44.87 -6.55
C LEU B 202 -45.34 -43.57 -6.64
N VAL B 203 -44.08 -43.73 -7.03
CA VAL B 203 -43.15 -42.62 -7.23
C VAL B 203 -43.53 -41.80 -8.47
N SER B 204 -44.00 -42.47 -9.51
CA SER B 204 -44.48 -41.78 -10.72
C SER B 204 -45.77 -41.01 -10.43
N GLY B 205 -46.63 -41.58 -9.59
CA GLY B 205 -47.84 -40.90 -9.18
C GLY B 205 -47.50 -39.71 -8.30
N LEU B 206 -46.47 -39.85 -7.48
CA LEU B 206 -46.01 -38.77 -6.62
C LEU B 206 -45.45 -37.64 -7.47
N ILE B 207 -44.58 -37.99 -8.43
CA ILE B 207 -43.99 -37.01 -9.35
C ILE B 207 -45.05 -36.30 -10.18
N ALA B 208 -45.93 -37.07 -10.80
CA ALA B 208 -47.04 -36.53 -11.60
C ALA B 208 -47.88 -35.51 -10.83
N GLY B 209 -48.12 -35.77 -9.54
CA GLY B 209 -48.88 -34.85 -8.67
C GLY B 209 -48.14 -33.54 -8.38
N LEU B 210 -46.83 -33.62 -8.20
CA LEU B 210 -45.99 -32.40 -8.09
C LEU B 210 -46.04 -31.54 -9.38
N ALA B 211 -46.10 -32.20 -10.55
CA ALA B 211 -46.18 -31.50 -11.83
C ALA B 211 -47.52 -30.79 -11.97
N GLU B 212 -48.59 -31.47 -11.56
CA GLU B 212 -49.93 -30.90 -11.64
C GLU B 212 -50.02 -29.66 -10.76
N LYS B 213 -49.51 -29.75 -9.53
CA LYS B 213 -49.56 -28.61 -8.60
C LYS B 213 -48.75 -27.41 -9.14
N HIS B 214 -47.63 -27.72 -9.79
CA HIS B 214 -46.78 -26.72 -10.43
C HIS B 214 -47.53 -25.95 -11.52
N SER B 215 -48.21 -26.70 -12.38
CA SER B 215 -48.94 -26.14 -13.49
C SER B 215 -50.14 -25.31 -13.04
N LYS B 216 -50.75 -25.67 -11.92
CA LYS B 216 -51.84 -24.87 -11.37
C LYS B 216 -51.29 -23.57 -10.80
N ARG B 217 -50.15 -23.64 -10.13
CA ARG B 217 -49.46 -22.44 -9.66
C ARG B 217 -49.08 -21.49 -10.80
N THR B 219 -50.73 -21.18 -13.67
CA THR B 219 -52.01 -20.60 -14.07
C THR B 219 -52.41 -19.50 -13.12
N GLN B 220 -52.22 -19.69 -11.82
CA GLN B 220 -52.57 -18.66 -10.84
C GLN B 220 -51.73 -17.40 -10.98
N LEU B 221 -50.50 -17.54 -11.49
CA LEU B 221 -49.65 -16.39 -11.80
C LEU B 221 -50.00 -15.76 -13.16
N GLY B 222 -50.97 -16.36 -13.86
CA GLY B 222 -51.45 -15.85 -15.14
C GLY B 222 -50.64 -16.29 -16.33
N LEU B 223 -49.91 -17.40 -16.20
CA LEU B 223 -49.04 -17.84 -17.27
C LEU B 223 -49.68 -18.98 -18.04
N THR B 224 -49.27 -19.12 -19.31
CA THR B 224 -49.68 -20.23 -20.16
C THR B 224 -48.75 -21.42 -19.95
N TYR C 12 0.50 15.35 -24.64
CA TYR C 12 1.79 14.64 -24.42
C TYR C 12 2.93 15.59 -24.00
N ASN C 13 3.01 16.77 -24.62
CA ASN C 13 4.03 17.77 -24.28
C ASN C 13 3.88 18.28 -22.86
N ARG C 14 2.67 18.76 -22.53
CA ARG C 14 2.35 19.21 -21.18
C ARG C 14 2.64 18.08 -20.19
N PHE C 15 2.40 16.84 -20.65
CA PHE C 15 2.55 15.68 -19.79
C PHE C 15 3.99 15.17 -19.59
N VAL C 16 4.85 15.25 -20.62
CA VAL C 16 6.29 14.96 -20.45
C VAL C 16 6.92 15.99 -19.48
N ALA C 17 6.40 17.21 -19.54
CA ALA C 17 6.81 18.30 -18.67
C ALA C 17 6.43 18.02 -17.22
N ASP C 18 5.26 17.41 -17.00
CA ASP C 18 4.85 16.99 -15.66
C ASP C 18 5.80 15.93 -15.15
N LEU C 19 6.10 14.95 -16.02
CA LEU C 19 7.05 13.90 -15.65
C LEU C 19 8.40 14.50 -15.21
N PHE C 20 8.99 15.31 -16.06
CA PHE C 20 10.26 15.96 -15.75
C PHE C 20 10.17 16.83 -14.50
N GLY C 21 9.04 17.51 -14.35
CA GLY C 21 8.78 18.33 -13.19
C GLY C 21 8.81 17.53 -11.90
N ALA C 24 12.51 16.26 -11.42
CA ALA C 24 13.39 17.33 -10.97
C ALA C 24 13.17 17.60 -9.49
N TYR C 25 11.91 17.69 -9.06
CA TYR C 25 11.63 17.96 -7.65
C TYR C 25 12.04 16.80 -6.75
N GLY C 26 11.82 15.57 -7.21
CA GLY C 26 12.23 14.39 -6.47
C GLY C 26 13.73 14.38 -6.26
N GLU C 27 14.46 14.72 -7.33
CA GLU C 27 15.93 14.73 -7.34
C GLU C 27 16.51 15.80 -6.45
N LEU C 28 15.95 17.01 -6.52
CA LEU C 28 16.36 18.12 -5.65
C LEU C 28 16.22 17.79 -4.15
N SER C 29 15.05 17.29 -3.80
CA SER C 29 14.75 16.87 -2.42
C SER C 29 15.63 15.72 -1.95
N ALA C 30 15.85 14.75 -2.81
CA ALA C 30 16.76 13.63 -2.53
C ALA C 30 18.17 14.15 -2.19
N PHE C 31 18.67 15.07 -3.01
CA PHE C 31 19.95 15.71 -2.74
C PHE C 31 19.95 16.36 -1.36
N GLU C 32 18.90 17.11 -1.05
CA GLU C 32 18.81 17.82 0.22
C GLU C 32 18.78 16.87 1.42
N ARG C 33 18.03 15.79 1.28
CA ARG C 33 17.88 14.83 2.35
C ARG C 33 19.13 13.98 2.56
N PHE C 34 19.71 13.45 1.49
CA PHE C 34 20.88 12.58 1.60
C PHE C 34 22.13 13.35 2.09
N SER C 35 22.33 14.55 1.56
CA SER C 35 23.39 15.41 2.01
C SER C 35 23.26 15.72 3.49
N ALA C 36 22.05 16.05 3.96
CA ALA C 36 21.78 16.23 5.39
C ALA C 36 21.99 14.97 6.24
N ASP C 37 21.60 13.84 5.68
CA ASP C 37 21.74 12.54 6.34
C ASP C 37 23.19 12.09 6.55
N ALA C 38 24.06 12.48 5.63
CA ALA C 38 25.47 12.14 5.60
C ALA C 38 26.23 12.49 6.88
N ARG C 39 25.93 13.66 7.47
CA ARG C 39 26.60 14.13 8.70
C ARG C 39 26.61 13.12 9.83
N TYR C 40 25.52 12.34 9.92
CA TYR C 40 25.31 11.44 11.03
C TYR C 40 25.87 10.06 10.77
N SER C 41 26.81 9.93 9.82
CA SER C 41 27.35 8.61 9.48
C SER C 41 28.14 8.07 10.68
N PRO C 42 28.20 6.74 10.81
CA PRO C 42 28.83 6.18 12.01
C PRO C 42 30.35 6.33 12.05
N THR C 43 30.97 6.49 10.89
CA THR C 43 32.41 6.65 10.83
C THR C 43 32.71 7.69 9.80
N LEU C 44 33.92 8.22 9.88
CA LEU C 44 34.43 9.15 8.89
C LEU C 44 34.51 8.51 7.50
N HIS C 45 34.90 7.24 7.44
CA HIS C 45 34.89 6.49 6.17
C HIS C 45 33.55 6.52 5.45
N ASP C 46 32.45 6.35 6.20
CA ASP C 46 31.09 6.37 5.67
C ASP C 46 30.47 7.72 5.36
N ARG C 47 31.13 8.82 5.70
CA ARG C 47 30.57 10.17 5.40
C ARG C 47 30.25 10.38 3.91
N ALA C 48 31.21 10.03 3.06
CA ALA C 48 31.11 10.24 1.62
C ALA C 48 30.09 9.34 0.92
N VAL C 49 29.65 8.26 1.59
CA VAL C 49 28.69 7.32 0.96
C VAL C 49 27.41 8.06 0.52
N LEU C 50 26.75 8.72 1.44
CA LEU C 50 25.51 9.44 1.14
C LEU C 50 25.77 10.77 0.45
N GLY C 51 26.93 11.38 0.71
CA GLY C 51 27.33 12.61 -0.01
C GLY C 51 27.43 12.41 -1.51
N ARG C 52 28.00 11.27 -1.90
CA ARG C 52 28.14 10.91 -3.30
C ARG C 52 26.79 10.72 -3.99
N ILE C 53 25.89 9.98 -3.38
CA ILE C 53 24.53 9.82 -3.95
C ILE C 53 23.81 11.16 -4.01
N ALA C 54 23.97 11.97 -2.95
CA ALA C 54 23.39 13.34 -2.90
C ALA C 54 23.83 14.14 -4.12
N VAL C 55 25.13 14.14 -4.42
CA VAL C 55 25.67 14.87 -5.55
C VAL C 55 25.15 14.36 -6.90
N VAL C 56 25.06 13.05 -7.08
CA VAL C 56 24.49 12.46 -8.30
C VAL C 56 23.04 12.91 -8.50
N GLU C 57 22.27 12.96 -7.42
CA GLU C 57 20.88 13.44 -7.46
C GLU C 57 20.79 14.91 -7.93
N PHE C 58 21.63 15.77 -7.38
CA PHE C 58 21.66 17.18 -7.83
C PHE C 58 22.01 17.27 -9.33
N ARG C 59 22.94 16.42 -9.78
CA ARG C 59 23.36 16.38 -11.18
C ARG C 59 22.18 16.00 -12.07
N HIS C 60 21.36 15.07 -11.58
CA HIS C 60 20.14 14.69 -12.29
C HIS C 60 19.15 15.88 -12.37
N TYR C 61 18.91 16.51 -11.21
CA TYR C 61 18.04 17.67 -11.11
C TYR C 61 18.43 18.73 -12.12
N GLU C 62 19.73 19.01 -12.25
CA GLU C 62 20.23 20.00 -13.21
C GLU C 62 20.04 19.62 -14.69
N LEU C 63 20.20 18.34 -14.97
CA LEU C 63 19.99 17.79 -16.30
C LEU C 63 18.51 17.88 -16.70
N VAL C 64 17.61 17.51 -15.80
CA VAL C 64 16.16 17.57 -16.05
C VAL C 64 15.68 19.04 -16.11
N SER C 65 16.15 19.84 -15.16
CA SER C 65 15.86 21.28 -15.16
C SER C 65 16.26 21.94 -16.46
N ALA C 66 17.41 21.56 -17.02
CA ALA C 66 17.89 22.14 -18.27
C ALA C 66 17.04 21.68 -19.44
N ARG C 67 16.70 20.39 -19.47
CA ARG C 67 15.77 19.86 -20.47
C ARG C 67 14.44 20.60 -20.43
N LEU C 68 13.89 20.86 -19.26
CA LEU C 68 12.66 21.65 -19.12
C LEU C 68 12.80 23.02 -19.78
N GLU C 69 13.85 23.76 -19.44
CA GLU C 69 14.08 25.08 -20.06
C GLU C 69 14.25 24.97 -21.60
N ALA C 70 14.93 23.92 -22.07
CA ALA C 70 15.13 23.70 -23.52
C ALA C 70 13.79 23.51 -24.25
N GLY C 72 11.36 25.05 -23.46
CA GLY C 72 10.74 26.35 -23.27
C GLY C 72 9.81 26.42 -22.09
N ILE C 73 9.97 25.48 -21.15
CA ILE C 73 9.12 25.36 -19.95
C ILE C 73 9.85 25.84 -18.71
N ASP C 74 9.14 26.56 -17.85
CA ASP C 74 9.78 27.09 -16.64
C ASP C 74 9.89 25.99 -15.56
N ALA C 75 11.12 25.59 -15.24
CA ALA C 75 11.40 24.46 -14.31
C ALA C 75 10.61 24.50 -12.97
N GLU C 76 10.64 25.63 -12.29
CA GLU C 76 9.90 25.80 -11.03
C GLU C 76 8.39 25.62 -11.21
N ASP C 77 7.84 26.14 -12.29
CA ASP C 77 6.41 26.00 -12.58
C ASP C 77 5.99 24.55 -12.81
N ALA C 78 6.85 23.79 -13.48
CA ALA C 78 6.58 22.38 -13.73
C ALA C 78 6.76 21.53 -12.47
N LEU C 80 6.30 22.73 -9.14
CA LEU C 80 5.35 23.15 -8.08
C LEU C 80 4.25 22.17 -7.72
N PRO C 81 3.58 21.59 -8.73
CA PRO C 81 2.47 20.66 -8.43
C PRO C 81 2.84 19.40 -7.68
N PHE C 82 4.13 19.06 -7.62
CA PHE C 82 4.59 17.83 -6.98
C PHE C 82 5.25 18.05 -5.64
N GLN C 83 5.45 19.32 -5.30
CA GLN C 83 6.12 19.71 -4.08
C GLN C 83 5.46 19.19 -2.79
N ALA C 84 4.14 19.34 -2.67
CA ALA C 84 3.42 18.92 -1.45
C ALA C 84 3.52 17.43 -1.22
N ALA C 85 3.28 16.67 -2.28
CA ALA C 85 3.37 15.20 -2.26
C ALA C 85 4.80 14.68 -1.97
N VAL C 86 5.82 15.26 -2.59
CA VAL C 86 7.22 14.87 -2.33
C VAL C 86 7.63 15.27 -0.89
N ASP C 87 7.33 16.51 -0.49
CA ASP C 87 7.61 16.98 0.88
C ASP C 87 6.91 16.12 1.92
N TYR C 88 5.67 15.75 1.65
CA TYR C 88 4.89 14.99 2.59
C TYR C 88 5.53 13.63 2.77
N PHE C 89 5.91 13.00 1.65
CA PHE C 89 6.59 11.69 1.70
C PHE C 89 7.84 11.70 2.61
N HIS C 90 8.63 12.76 2.54
CA HIS C 90 9.85 12.83 3.34
C HIS C 90 9.56 13.11 4.77
N SER C 91 8.55 13.92 5.02
CA SER C 91 8.13 14.21 6.37
C SER C 91 7.60 12.93 7.03
N ARG C 92 7.10 11.99 6.22
CA ARG C 92 6.58 10.70 6.74
C ARG C 92 7.66 9.60 6.74
N THR C 93 8.86 9.92 6.28
CA THR C 93 9.95 8.96 6.22
C THR C 93 11.22 9.62 6.76
N ARG C 94 11.09 10.21 7.94
CA ARG C 94 12.26 10.81 8.66
C ARG C 94 13.08 9.67 9.31
N PRO C 95 14.32 9.49 8.84
CA PRO C 95 15.12 8.38 9.36
C PRO C 95 15.55 8.61 10.80
N ALA C 96 15.57 7.56 11.60
CA ALA C 96 15.96 7.67 13.00
C ALA C 96 17.47 7.71 13.15
N ASP C 97 18.19 7.15 12.17
CA ASP C 97 19.66 7.15 12.23
C ASP C 97 20.22 6.96 10.83
N TRP C 98 21.53 6.87 10.73
CA TRP C 98 22.18 6.78 9.44
C TRP C 98 21.86 5.48 8.66
N TYR C 99 21.67 4.38 9.36
CA TYR C 99 21.30 3.12 8.72
C TYR C 99 19.93 3.22 8.02
N GLU C 100 18.98 3.88 8.65
CA GLU C 100 17.70 4.13 8.01
C GLU C 100 17.89 5.08 6.80
N SER C 101 18.78 6.05 6.94
CA SER C 101 19.10 6.94 5.84
C SER C 101 19.69 6.20 4.67
N LEU C 102 20.68 5.33 4.94
CA LEU C 102 21.28 4.45 3.95
C LEU C 102 20.22 3.62 3.23
N LYS C 104 16.93 4.15 3.14
CA LYS C 104 16.05 5.03 2.39
C LYS C 104 16.66 5.35 1.02
N ALA C 105 17.95 5.65 1.00
CA ALA C 105 18.64 6.01 -0.24
C ALA C 105 18.61 4.85 -1.24
N TYR C 106 18.88 3.65 -0.75
CA TYR C 106 18.85 2.44 -1.54
C TYR C 106 17.45 2.15 -2.11
N VAL C 107 16.42 2.22 -1.25
CA VAL C 107 15.03 1.98 -1.67
C VAL C 107 14.61 2.99 -2.75
N ILE C 108 14.80 4.28 -2.48
CA ILE C 108 14.48 5.33 -3.46
C ILE C 108 15.28 5.20 -4.76
N ASP C 109 16.51 4.71 -4.67
CA ASP C 109 17.37 4.57 -5.85
C ASP C 109 16.97 3.42 -6.77
N THR C 110 16.52 2.33 -6.16
CA THR C 110 16.19 1.13 -6.89
C THR C 110 14.82 1.23 -7.49
N VAL C 111 13.88 1.79 -6.73
CA VAL C 111 12.51 1.95 -7.22
C VAL C 111 12.48 2.94 -8.36
N SER C 112 13.20 4.06 -8.22
CA SER C 112 13.26 5.05 -9.31
C SER C 112 13.83 4.43 -10.59
N ALA C 113 14.92 3.65 -10.48
CA ALA C 113 15.53 3.02 -11.65
C ALA C 113 14.54 2.07 -12.32
N ASP C 114 13.80 1.29 -11.51
CA ASP C 114 12.76 0.39 -12.00
C ASP C 114 11.67 1.14 -12.74
N PHE C 115 11.20 2.23 -12.13
CA PHE C 115 10.19 3.10 -12.75
C PHE C 115 10.68 3.62 -14.11
N TYR C 116 11.94 4.03 -14.17
CA TYR C 116 12.47 4.58 -15.42
C TYR C 116 12.50 3.54 -16.53
N ARG C 117 12.89 2.32 -16.21
CA ARG C 117 12.85 1.25 -17.18
C ARG C 117 11.41 0.98 -17.60
N ALA C 118 10.46 1.10 -16.68
CA ALA C 118 9.04 0.86 -16.98
C ALA C 118 8.46 1.89 -17.96
N ILE C 119 8.62 3.18 -17.65
CA ILE C 119 8.05 4.24 -18.49
C ILE C 119 8.82 4.51 -19.78
N SER C 120 10.04 3.96 -19.88
CA SER C 120 10.89 4.20 -21.05
C SER C 120 10.26 3.68 -22.33
N ARG C 121 9.30 2.77 -22.20
CA ARG C 121 8.62 2.16 -23.33
C ARG C 121 7.54 3.07 -23.92
N TYR C 122 6.90 3.86 -23.07
CA TYR C 122 5.79 4.74 -23.47
C TYR C 122 6.18 6.15 -23.92
N VAL C 123 7.45 6.50 -23.82
CA VAL C 123 7.93 7.83 -24.22
C VAL C 123 8.75 7.80 -25.51
N ASP C 124 8.93 8.98 -26.10
CA ASP C 124 9.74 9.14 -27.31
C ASP C 124 11.21 8.88 -27.03
N ALA C 125 11.98 8.68 -28.10
CA ALA C 125 13.40 8.33 -27.99
C ALA C 125 14.24 9.45 -27.35
N GLY C 126 13.82 10.70 -27.53
CA GLY C 126 14.48 11.85 -26.90
C GLY C 126 14.28 11.92 -25.39
N THR C 127 13.06 11.63 -24.95
CA THR C 127 12.70 11.57 -23.52
C THR C 127 13.36 10.36 -22.90
N ARG C 128 13.30 9.23 -23.60
CA ARG C 128 13.97 8.00 -23.17
C ARG C 128 15.47 8.24 -23.05
N ASP C 129 16.01 9.12 -23.89
CA ASP C 129 17.43 9.44 -23.90
C ASP C 129 17.83 10.14 -22.60
N VAL C 130 17.03 11.12 -22.18
CA VAL C 130 17.25 11.82 -20.91
C VAL C 130 17.09 10.89 -19.69
N ILE C 131 16.21 9.91 -19.80
CA ILE C 131 15.95 8.95 -18.72
C ILE C 131 17.10 7.97 -18.53
N GLU C 132 17.71 7.54 -19.63
CA GLU C 132 18.85 6.61 -19.60
C GLU C 132 20.14 7.26 -19.12
N GLN C 133 20.23 8.59 -19.23
CA GLN C 133 21.35 9.34 -18.69
C GLN C 133 21.25 9.45 -17.17
N ILE C 134 20.03 9.61 -16.68
CA ILE C 134 19.73 9.67 -15.25
C ILE C 134 19.73 8.31 -14.58
N GLN C 135 19.49 7.26 -15.35
CA GLN C 135 19.21 5.92 -14.79
C GLN C 135 20.37 5.35 -13.99
N ALA C 136 20.07 5.01 -12.73
CA ALA C 136 21.05 4.51 -11.75
C ALA C 136 21.77 3.22 -12.20
N SER C 137 23.11 3.28 -12.25
CA SER C 137 23.93 2.12 -12.63
C SER C 137 23.71 0.95 -11.69
N ASP C 138 23.97 -0.26 -12.18
CA ASP C 138 23.86 -1.46 -11.36
C ASP C 138 24.91 -1.41 -10.23
N GLU C 139 26.11 -0.90 -10.55
CA GLU C 139 27.23 -0.80 -9.59
C GLU C 139 27.01 0.24 -8.50
N THR C 140 26.29 1.31 -8.84
CA THR C 140 26.00 2.40 -7.90
C THR C 140 25.08 1.90 -6.78
N THR C 141 24.00 1.25 -7.21
CA THR C 141 23.01 0.62 -6.35
C THR C 141 23.63 -0.50 -5.49
N GLU C 142 24.60 -1.24 -6.06
CA GLU C 142 25.25 -2.35 -5.34
C GLU C 142 26.19 -1.87 -4.22
N VAL C 143 26.71 -0.65 -4.35
CA VAL C 143 27.57 -0.08 -3.32
C VAL C 143 26.79 0.14 -2.04
N LEU C 144 25.56 0.67 -2.17
CA LEU C 144 24.67 0.91 -1.04
C LEU C 144 24.17 -0.41 -0.48
N ARG C 145 23.78 -1.33 -1.39
CA ARG C 145 23.32 -2.66 -1.02
C ARG C 145 24.33 -3.43 -0.19
N GLU C 146 25.58 -3.41 -0.64
CA GLU C 146 26.68 -4.07 0.10
C GLU C 146 26.97 -3.39 1.46
N ARG C 147 26.81 -2.07 1.53
CA ARG C 147 26.97 -1.41 2.81
C ARG C 147 25.83 -1.83 3.75
N LEU C 148 24.61 -1.95 3.23
CA LEU C 148 23.48 -2.44 4.07
C LEU C 148 23.71 -3.88 4.53
N ARG C 149 24.08 -4.76 3.60
CA ARG C 149 24.32 -6.17 3.93
C ARG C 149 25.32 -6.24 5.07
N SER C 150 26.43 -5.53 4.88
CA SER C 150 27.51 -5.45 5.84
C SER C 150 27.03 -4.99 7.24
N ALA C 151 26.15 -3.98 7.27
CA ALA C 151 25.62 -3.48 8.52
C ALA C 151 24.72 -4.54 9.21
N LEU C 152 23.86 -5.19 8.43
CA LEU C 152 22.95 -6.26 8.93
C LEU C 152 23.74 -7.48 9.39
N ALA C 153 24.80 -7.80 8.65
CA ALA C 153 25.68 -8.89 9.02
C ALA C 153 26.34 -8.61 10.39
N ASP C 154 26.65 -7.35 10.67
CA ASP C 154 27.31 -6.95 11.93
C ASP C 154 26.42 -6.86 13.17
N ASP C 155 25.23 -6.24 13.05
CA ASP C 155 24.31 -6.05 14.20
C ASP C 155 23.00 -6.81 13.97
N PRO C 156 22.69 -7.80 14.82
CA PRO C 156 21.47 -8.63 14.68
C PRO C 156 20.14 -7.94 15.04
N ARG C 157 20.20 -6.92 15.90
CA ARG C 157 19.02 -6.12 16.24
C ARG C 157 18.56 -5.21 15.09
N LEU C 158 19.42 -5.06 14.08
CA LEU C 158 19.18 -4.14 13.01
C LEU C 158 18.15 -4.62 11.96
N ALA C 159 18.19 -5.89 11.60
CA ALA C 159 17.30 -6.43 10.55
C ALA C 159 15.82 -6.16 10.79
N SER C 160 15.35 -6.49 12.00
CA SER C 160 13.94 -6.28 12.33
C SER C 160 13.53 -4.79 12.20
N ARG C 161 14.39 -3.89 12.66
CA ARG C 161 14.13 -2.46 12.56
C ARG C 161 14.15 -1.98 11.11
N LEU C 162 15.12 -2.42 10.31
CA LEU C 162 15.16 -2.00 8.88
C LEU C 162 14.10 -2.65 8.01
N ALA C 163 13.58 -3.81 8.42
CA ALA C 163 12.47 -4.50 7.69
C ALA C 163 11.16 -3.72 7.84
N LEU C 164 10.91 -3.24 9.05
CA LEU C 164 9.76 -2.40 9.31
C LEU C 164 9.89 -1.12 8.49
N TRP C 165 11.07 -0.49 8.56
CA TRP C 165 11.40 0.73 7.84
C TRP C 165 11.23 0.59 6.33
N GLY C 166 11.75 -0.51 5.79
CA GLY C 166 11.54 -0.87 4.38
C GLY C 166 10.07 -0.91 4.00
N ARG C 167 9.25 -1.52 4.86
CA ARG C 167 7.79 -1.59 4.65
C ARG C 167 7.09 -0.24 4.75
N ARG C 168 7.59 0.62 5.63
CA ARG C 168 7.10 1.98 5.78
C ARG C 168 7.46 2.79 4.55
N LEU C 169 8.70 2.70 4.10
CA LEU C 169 9.12 3.42 2.89
C LEU C 169 8.20 3.08 1.71
N LEU C 170 7.88 1.80 1.52
CA LEU C 170 7.00 1.34 0.43
C LEU C 170 5.58 1.91 0.57
N GLY C 171 5.01 1.74 1.76
CA GLY C 171 3.68 2.28 2.06
C GLY C 171 3.53 3.79 1.84
N GLU C 172 4.49 4.56 2.31
CA GLU C 172 4.44 6.00 2.13
C GLU C 172 4.61 6.42 0.67
N ALA C 173 5.49 5.73 -0.07
CA ALA C 173 5.70 6.00 -1.50
C ALA C 173 4.46 5.62 -2.33
N LEU C 174 3.87 4.49 -2.01
CA LEU C 174 2.61 4.07 -2.66
C LEU C 174 1.46 5.08 -2.41
N THR C 175 1.33 5.56 -1.16
CA THR C 175 0.31 6.54 -0.80
C THR C 175 0.45 7.83 -1.61
N GLN C 176 1.68 8.26 -1.87
CA GLN C 176 1.87 9.49 -2.62
C GLN C 176 1.74 9.26 -4.12
N ALA C 177 2.15 8.08 -4.59
CA ALA C 177 2.00 7.67 -5.98
C ALA C 177 0.55 7.74 -6.37
N GLN C 178 -0.29 7.32 -5.44
CA GLN C 178 -1.73 7.32 -5.66
C GLN C 178 -2.34 8.71 -5.57
N ARG C 179 -1.87 9.49 -4.60
CA ARG C 179 -2.31 10.88 -4.46
C ARG C 179 -1.93 11.70 -5.70
N VAL C 180 -0.75 11.45 -6.25
CA VAL C 180 -0.32 12.15 -7.47
C VAL C 180 -1.17 11.72 -8.68
N SER C 181 -1.50 10.43 -8.78
CA SER C 181 -2.34 9.95 -9.90
C SER C 181 -3.80 10.42 -9.77
N TYR C 182 -4.27 10.64 -8.54
CA TYR C 182 -5.59 11.23 -8.32
C TYR C 182 -5.56 12.74 -8.52
N GLU C 183 -4.81 13.43 -7.66
CA GLU C 183 -4.81 14.91 -7.54
C GLU C 183 -4.27 15.70 -8.75
N HIS C 184 -3.19 15.22 -9.37
CA HIS C 184 -2.59 15.89 -10.53
C HIS C 184 -2.14 14.81 -11.51
N ALA C 185 -3.14 14.13 -12.09
CA ALA C 185 -2.87 13.04 -13.03
C ALA C 185 -2.19 13.51 -14.31
N PHE C 186 -1.15 12.77 -14.70
CA PHE C 186 -0.42 12.96 -15.97
C PHE C 186 0.16 11.62 -16.48
N LEU C 187 0.27 10.63 -15.59
CA LEU C 187 0.76 9.29 -15.91
C LEU C 187 -0.16 8.52 -16.84
N GLY C 188 -1.43 8.37 -16.44
CA GLY C 188 -2.43 7.68 -17.25
C GLY C 188 -2.49 8.23 -18.66
N SER C 189 -2.24 9.53 -18.78
CA SER C 189 -2.20 10.23 -20.05
C SER C 189 -1.07 9.67 -20.92
N LEU C 190 0.16 9.73 -20.41
CA LEU C 190 1.35 9.25 -21.15
C LEU C 190 1.30 7.74 -21.46
N ILE C 191 0.75 6.93 -20.56
CA ILE C 191 0.74 5.45 -20.71
C ILE C 191 0.02 5.03 -21.99
N ALA C 197 -9.93 6.81 -16.28
CA ALA C 197 -10.29 5.62 -15.51
C ALA C 197 -9.59 4.38 -16.05
N ALA C 198 -9.82 4.08 -17.33
CA ALA C 198 -9.19 2.94 -18.01
C ALA C 198 -7.67 3.03 -17.96
N ALA C 199 -7.14 4.15 -18.45
CA ALA C 199 -5.70 4.38 -18.51
C ALA C 199 -5.06 4.39 -17.12
N LYS C 200 -5.81 4.87 -16.12
CA LYS C 200 -5.30 4.90 -14.74
C LYS C 200 -5.23 3.50 -14.11
N GLU C 201 -5.99 2.54 -14.65
CA GLU C 201 -5.92 1.15 -14.18
C GLU C 201 -4.60 0.48 -14.63
N LEU C 202 -4.02 0.99 -15.71
CA LEU C 202 -2.73 0.53 -16.23
C LEU C 202 -1.58 1.08 -15.35
N VAL C 203 -1.78 2.29 -14.84
CA VAL C 203 -0.80 2.93 -13.97
C VAL C 203 -0.64 2.08 -12.70
N SER C 204 -1.74 1.54 -12.19
CA SER C 204 -1.71 0.67 -11.03
C SER C 204 -0.85 -0.57 -11.28
N GLY C 205 -1.01 -1.17 -12.45
CA GLY C 205 -0.23 -2.36 -12.82
C GLY C 205 1.27 -2.09 -12.81
N LEU C 206 1.65 -0.88 -13.20
CA LEU C 206 3.05 -0.47 -13.19
C LEU C 206 3.55 -0.31 -11.75
N ILE C 207 2.75 0.40 -10.94
CA ILE C 207 3.03 0.63 -9.52
C ILE C 207 3.18 -0.69 -8.74
N ALA C 208 2.34 -1.68 -9.05
CA ALA C 208 2.40 -2.99 -8.42
C ALA C 208 3.68 -3.72 -8.81
N GLY C 209 4.08 -3.55 -10.07
CA GLY C 209 5.33 -4.13 -10.56
C GLY C 209 6.50 -3.64 -9.75
N LEU C 210 6.49 -2.34 -9.44
CA LEU C 210 7.55 -1.71 -8.62
C LEU C 210 7.56 -2.28 -7.20
N ALA C 211 6.37 -2.38 -6.62
CA ALA C 211 6.18 -2.95 -5.27
C ALA C 211 6.77 -4.35 -5.20
N GLU C 212 6.48 -5.14 -6.23
CA GLU C 212 6.94 -6.52 -6.30
C GLU C 212 8.47 -6.67 -6.35
N LYS C 213 9.13 -5.80 -7.11
CA LYS C 213 10.60 -5.85 -7.23
C LYS C 213 11.27 -5.35 -5.96
N HIS C 214 10.63 -4.39 -5.30
CA HIS C 214 11.11 -3.86 -3.98
C HIS C 214 11.08 -5.00 -2.96
N SER C 215 10.01 -5.79 -2.98
CA SER C 215 9.84 -6.93 -2.08
C SER C 215 10.87 -8.06 -2.30
N LYS C 216 11.25 -8.34 -3.54
CA LYS C 216 12.33 -9.32 -3.83
C LYS C 216 13.63 -8.80 -3.28
N ARG C 217 13.87 -7.52 -3.46
CA ARG C 217 15.09 -6.90 -2.95
C ARG C 217 15.19 -6.95 -1.42
N THR C 219 13.87 -9.24 0.64
CA THR C 219 14.18 -10.65 0.93
C THR C 219 15.67 -10.94 0.76
N GLN C 220 16.25 -10.35 -0.28
CA GLN C 220 17.68 -10.49 -0.57
C GLN C 220 18.60 -9.82 0.47
N LEU C 221 18.05 -8.88 1.25
CA LEU C 221 18.77 -8.36 2.41
C LEU C 221 18.46 -9.21 3.66
N GLY C 222 17.68 -10.26 3.49
CA GLY C 222 17.26 -11.08 4.62
C GLY C 222 16.23 -10.39 5.49
N LEU C 223 15.45 -9.48 4.89
CA LEU C 223 14.37 -8.79 5.58
C LEU C 223 12.99 -9.39 5.21
N THR C 224 12.02 -9.26 6.11
CA THR C 224 10.63 -9.68 5.86
C THR C 224 9.86 -8.52 5.17
N PRO D 6 66.28 16.01 1.61
CA PRO D 6 66.94 15.43 2.79
C PRO D 6 65.90 14.99 3.88
N ALA D 7 66.12 15.41 5.14
CA ALA D 7 65.13 15.25 6.21
C ALA D 7 64.06 16.35 6.06
N ASP D 8 64.42 17.42 5.34
CA ASP D 8 63.49 18.49 4.99
C ASP D 8 62.41 17.93 4.04
N THR D 9 62.82 17.05 3.11
CA THR D 9 61.90 16.36 2.20
C THR D 9 60.92 15.42 2.94
N ALA D 10 61.45 14.71 3.96
CA ALA D 10 60.65 13.79 4.76
C ALA D 10 59.65 14.53 5.66
N ARG D 11 60.10 15.62 6.28
CA ARG D 11 59.22 16.48 7.08
C ARG D 11 58.13 17.12 6.19
N TYR D 12 58.55 17.66 5.04
CA TYR D 12 57.64 18.30 4.07
C TYR D 12 56.49 17.39 3.60
N ASN D 13 56.80 16.15 3.24
CA ASN D 13 55.77 15.22 2.73
C ASN D 13 54.61 14.95 3.68
N ARG D 14 54.90 14.83 4.97
CA ARG D 14 53.80 14.57 5.94
C ARG D 14 53.00 15.83 6.26
N PHE D 15 53.61 17.00 6.08
CA PHE D 15 52.92 18.26 6.30
C PHE D 15 52.01 18.60 5.12
N VAL D 16 52.37 18.17 3.92
CA VAL D 16 51.47 18.28 2.77
C VAL D 16 50.25 17.36 2.97
N ALA D 17 50.45 16.22 3.60
CA ALA D 17 49.37 15.30 3.96
C ALA D 17 48.44 15.94 5.02
N ASP D 18 49.04 16.64 5.98
CA ASP D 18 48.29 17.44 6.97
C ASP D 18 47.43 18.52 6.33
N LEU D 19 48.03 19.27 5.40
CA LEU D 19 47.33 20.32 4.66
C LEU D 19 46.12 19.78 3.90
N PHE D 20 46.31 18.69 3.16
CA PHE D 20 45.24 18.11 2.36
C PHE D 20 44.18 17.52 3.30
N GLY D 21 44.61 16.98 4.44
CA GLY D 21 43.68 16.46 5.42
C GLY D 21 42.71 17.54 5.87
N ALA D 24 40.45 18.68 2.94
CA ALA D 24 39.48 17.66 2.57
C ALA D 24 38.34 17.58 3.56
N TYR D 25 38.64 17.71 4.85
CA TYR D 25 37.60 17.65 5.88
C TYR D 25 36.78 18.95 5.86
N GLY D 26 37.46 20.07 5.66
CA GLY D 26 36.77 21.33 5.55
C GLY D 26 35.79 21.38 4.40
N GLU D 27 36.15 20.75 3.29
CA GLU D 27 35.34 20.74 2.05
C GLU D 27 34.16 19.79 2.19
N LEU D 28 34.43 18.59 2.70
CA LEU D 28 33.37 17.64 3.03
C LEU D 28 32.37 18.28 4.00
N SER D 29 32.86 18.96 5.04
CA SER D 29 32.00 19.63 6.03
C SER D 29 31.21 20.78 5.43
N ALA D 30 31.87 21.59 4.62
CA ALA D 30 31.21 22.72 3.92
C ALA D 30 30.08 22.16 3.04
N PHE D 31 30.33 21.07 2.35
CA PHE D 31 29.32 20.44 1.52
C PHE D 31 28.04 20.17 2.32
N GLU D 32 28.17 19.46 3.45
CA GLU D 32 27.05 19.07 4.30
C GLU D 32 26.33 20.27 4.92
N ARG D 33 27.08 21.23 5.44
CA ARG D 33 26.53 22.45 6.00
C ARG D 33 25.86 23.38 5.01
N PHE D 34 26.50 23.63 3.86
CA PHE D 34 25.89 24.48 2.84
C PHE D 34 24.61 23.89 2.33
N SER D 35 24.56 22.57 2.23
CA SER D 35 23.36 21.89 1.75
C SER D 35 22.22 21.93 2.74
N ALA D 36 22.54 21.96 4.03
CA ALA D 36 21.48 21.88 5.07
C ALA D 36 20.64 23.14 5.25
N ASP D 37 21.04 24.24 4.65
CA ASP D 37 20.33 25.53 4.76
C ASP D 37 19.16 25.68 3.76
N ALA D 38 18.59 24.56 3.33
CA ALA D 38 17.56 24.52 2.28
C ALA D 38 16.23 25.03 2.76
N ARG D 39 15.92 24.78 4.03
CA ARG D 39 14.67 25.29 4.63
C ARG D 39 14.58 26.81 4.45
N TYR D 40 15.74 27.45 4.39
CA TYR D 40 15.84 28.89 4.29
C TYR D 40 15.62 29.46 2.90
N SER D 41 15.66 28.64 1.84
CA SER D 41 15.46 29.21 0.49
C SER D 41 14.15 29.99 0.39
N PRO D 42 14.20 31.25 -0.07
CA PRO D 42 12.98 32.04 -0.17
C PRO D 42 12.06 31.51 -1.26
N THR D 43 12.65 31.10 -2.37
CA THR D 43 11.91 30.53 -3.48
C THR D 43 12.43 29.11 -3.76
N LEU D 44 11.70 28.39 -4.59
CA LEU D 44 12.08 27.06 -5.03
C LEU D 44 13.31 27.17 -5.93
N HIS D 45 13.42 28.28 -6.65
CA HIS D 45 14.52 28.53 -7.56
C HIS D 45 15.81 28.75 -6.79
N ASP D 46 15.71 29.38 -5.61
CA ASP D 46 16.87 29.64 -4.75
C ASP D 46 17.42 28.37 -4.09
N ARG D 47 16.70 27.25 -4.23
CA ARG D 47 17.16 25.98 -3.63
C ARG D 47 18.38 25.49 -4.41
N ALA D 48 18.42 25.74 -5.73
CA ALA D 48 19.59 25.41 -6.59
C ALA D 48 20.83 26.23 -6.23
N VAL D 49 20.62 27.41 -5.64
CA VAL D 49 21.71 28.33 -5.32
C VAL D 49 22.77 27.73 -4.40
N LEU D 50 22.37 27.38 -3.17
CA LEU D 50 23.29 26.74 -2.20
C LEU D 50 23.61 25.29 -2.58
N GLY D 51 22.75 24.64 -3.34
CA GLY D 51 22.97 23.30 -3.81
C GLY D 51 24.21 23.19 -4.70
N ARG D 52 24.30 24.09 -5.67
CA ARG D 52 25.46 24.15 -6.57
C ARG D 52 26.72 24.48 -5.80
N ILE D 53 26.61 25.44 -4.90
CA ILE D 53 27.75 25.80 -4.07
C ILE D 53 28.22 24.59 -3.23
N ALA D 54 27.27 23.83 -2.69
CA ALA D 54 27.55 22.66 -1.88
C ALA D 54 28.22 21.56 -2.69
N VAL D 55 27.72 21.33 -3.88
CA VAL D 55 28.27 20.30 -4.76
C VAL D 55 29.71 20.57 -5.16
N VAL D 56 30.01 21.81 -5.53
CA VAL D 56 31.41 22.24 -5.82
C VAL D 56 32.36 21.85 -4.67
N GLU D 57 31.92 22.02 -3.43
CA GLU D 57 32.66 21.60 -2.24
C GLU D 57 32.93 20.10 -2.21
N PHE D 58 31.91 19.29 -2.47
CA PHE D 58 32.10 17.83 -2.53
C PHE D 58 33.11 17.42 -3.61
N ARG D 59 33.01 18.01 -4.79
CA ARG D 59 33.98 17.73 -5.87
C ARG D 59 35.43 18.12 -5.47
N HIS D 60 35.59 19.23 -4.73
CA HIS D 60 36.92 19.59 -4.16
C HIS D 60 37.41 18.50 -3.23
N TYR D 61 36.55 18.10 -2.28
CA TYR D 61 36.87 17.02 -1.35
C TYR D 61 37.36 15.77 -2.09
N GLU D 62 36.64 15.35 -3.13
CA GLU D 62 37.00 14.17 -3.92
C GLU D 62 38.35 14.31 -4.60
N LEU D 63 38.62 15.48 -5.14
CA LEU D 63 39.93 15.80 -5.77
C LEU D 63 41.10 15.75 -4.75
N VAL D 64 40.87 16.29 -3.55
CA VAL D 64 41.90 16.29 -2.49
C VAL D 64 42.10 14.89 -1.88
N SER D 65 41.00 14.18 -1.69
CA SER D 65 41.01 12.78 -1.26
C SER D 65 41.76 11.88 -2.20
N ALA D 66 41.54 12.11 -3.49
CA ALA D 66 42.17 11.31 -4.54
C ALA D 66 43.68 11.52 -4.54
N ARG D 67 44.10 12.77 -4.33
CA ARG D 67 45.51 13.12 -4.18
C ARG D 67 46.17 12.43 -2.95
N LEU D 68 45.52 12.49 -1.80
CA LEU D 68 46.00 11.75 -0.62
C LEU D 68 46.18 10.26 -0.94
N GLU D 69 45.20 9.72 -1.63
CA GLU D 69 45.18 8.33 -2.02
C GLU D 69 46.37 7.97 -2.92
N ALA D 70 46.68 8.87 -3.87
CA ALA D 70 47.87 8.72 -4.75
C ALA D 70 49.20 8.73 -3.95
N GLY D 72 49.32 7.37 -1.11
CA GLY D 72 49.20 6.14 -0.32
C GLY D 72 48.60 6.34 1.07
N ILE D 73 47.92 7.47 1.26
CA ILE D 73 47.38 7.83 2.55
C ILE D 73 45.89 7.67 2.53
N ASP D 74 45.35 7.01 3.54
CA ASP D 74 43.89 6.97 3.70
C ASP D 74 43.42 8.38 4.09
N ALA D 75 42.46 8.90 3.33
CA ALA D 75 41.94 10.24 3.54
C ALA D 75 41.49 10.46 4.97
N GLU D 76 40.74 9.50 5.48
CA GLU D 76 40.19 9.53 6.86
C GLU D 76 41.26 9.75 7.91
N ASP D 77 42.37 9.03 7.78
CA ASP D 77 43.48 9.16 8.70
C ASP D 77 44.03 10.56 8.66
N ALA D 78 44.12 11.13 7.45
CA ALA D 78 44.70 12.43 7.28
C ALA D 78 43.78 13.54 7.78
N LEU D 80 41.22 13.09 10.19
CA LEU D 80 40.79 12.91 11.59
C LEU D 80 41.28 13.99 12.57
N PRO D 81 42.56 14.42 12.45
CA PRO D 81 43.09 15.44 13.36
C PRO D 81 42.37 16.81 13.33
N PHE D 82 41.70 17.11 12.24
CA PHE D 82 41.03 18.40 12.07
C PHE D 82 39.53 18.33 12.27
N GLN D 83 39.01 17.12 12.52
CA GLN D 83 37.57 16.92 12.65
C GLN D 83 36.98 17.67 13.82
N ALA D 84 37.65 17.63 14.96
CA ALA D 84 37.10 18.25 16.17
C ALA D 84 36.93 19.76 16.04
N ALA D 85 37.96 20.38 15.46
CA ALA D 85 38.04 21.81 15.27
C ALA D 85 37.10 22.30 14.23
N VAL D 86 37.06 21.60 13.10
CA VAL D 86 36.18 21.98 12.02
C VAL D 86 34.72 21.81 12.50
N ASP D 87 34.43 20.71 13.20
CA ASP D 87 33.07 20.49 13.66
C ASP D 87 32.62 21.56 14.63
N TYR D 88 33.53 21.93 15.54
CA TYR D 88 33.26 22.93 16.51
C TYR D 88 32.92 24.28 15.90
N PHE D 89 33.75 24.69 14.94
CA PHE D 89 33.56 25.93 14.24
C PHE D 89 32.15 26.00 13.67
N HIS D 90 31.73 24.94 12.99
CA HIS D 90 30.38 24.87 12.37
C HIS D 90 29.23 24.83 13.34
N SER D 91 29.38 24.11 14.44
CA SER D 91 28.33 24.10 15.46
C SER D 91 28.21 25.48 16.14
N ARG D 92 29.27 26.29 16.12
CA ARG D 92 29.19 27.63 16.71
C ARG D 92 28.80 28.66 15.67
N THR D 93 28.53 28.24 14.44
CA THR D 93 28.20 29.17 13.37
C THR D 93 27.09 28.63 12.46
N ARG D 94 26.01 28.17 13.07
CA ARG D 94 24.86 27.63 12.37
C ARG D 94 23.97 28.81 11.96
N PRO D 95 23.80 29.06 10.64
CA PRO D 95 22.91 30.14 10.19
C PRO D 95 21.43 30.01 10.63
N ALA D 96 20.78 31.15 10.91
CA ALA D 96 19.39 31.19 11.36
C ALA D 96 18.43 31.61 10.25
N ASP D 97 18.99 31.99 9.11
CA ASP D 97 18.19 32.36 7.97
C ASP D 97 19.00 32.32 6.69
N TRP D 98 18.33 32.62 5.58
CA TRP D 98 18.88 32.56 4.22
C TRP D 98 20.15 33.37 4.09
N TYR D 99 20.10 34.60 4.59
CA TYR D 99 21.18 35.57 4.42
C TYR D 99 22.39 35.25 5.22
N GLU D 100 22.18 34.76 6.43
CA GLU D 100 23.29 34.25 7.23
C GLU D 100 24.00 33.08 6.55
N SER D 101 23.23 32.20 5.89
CA SER D 101 23.79 31.09 5.13
C SER D 101 24.62 31.58 3.96
N LEU D 102 24.10 32.51 3.18
CA LEU D 102 24.83 33.03 2.02
C LEU D 102 26.08 33.75 2.52
N LYS D 104 27.82 33.22 5.30
CA LYS D 104 28.81 32.21 5.73
C LYS D 104 29.53 31.55 4.54
N ALA D 105 28.79 31.26 3.47
CA ALA D 105 29.36 30.67 2.26
C ALA D 105 30.35 31.63 1.64
N TYR D 106 29.95 32.89 1.54
CA TYR D 106 30.77 33.94 0.98
C TYR D 106 32.07 34.14 1.75
N VAL D 107 31.98 34.23 3.08
CA VAL D 107 33.12 34.41 3.99
C VAL D 107 34.08 33.25 3.91
N ILE D 108 33.57 32.03 3.95
CA ILE D 108 34.41 30.83 3.91
C ILE D 108 35.13 30.73 2.57
N ASP D 109 34.39 30.98 1.50
CA ASP D 109 34.93 30.90 0.17
C ASP D 109 35.99 31.96 -0.10
N THR D 110 35.74 33.19 0.33
CA THR D 110 36.69 34.28 0.12
C THR D 110 37.94 34.14 0.99
N VAL D 111 37.78 33.83 2.27
CA VAL D 111 38.94 33.60 3.18
C VAL D 111 39.82 32.38 2.74
N SER D 112 39.18 31.31 2.33
CA SER D 112 39.90 30.11 1.89
C SER D 112 40.69 30.39 0.57
N ALA D 113 40.11 31.16 -0.36
CA ALA D 113 40.83 31.54 -1.58
C ALA D 113 42.04 32.43 -1.25
N ASP D 114 41.90 33.37 -0.31
CA ASP D 114 43.07 34.14 0.15
C ASP D 114 44.12 33.21 0.74
N PHE D 115 43.68 32.25 1.55
CA PHE D 115 44.56 31.26 2.14
C PHE D 115 45.39 30.54 1.06
N TYR D 116 44.71 29.99 0.05
CA TYR D 116 45.41 29.26 -1.01
C TYR D 116 46.39 30.14 -1.75
N ARG D 117 46.04 31.39 -2.01
CA ARG D 117 46.99 32.33 -2.63
C ARG D 117 48.22 32.63 -1.77
N ALA D 118 48.08 32.60 -0.45
CA ALA D 118 49.19 32.88 0.47
C ALA D 118 50.17 31.71 0.64
N ILE D 119 49.69 30.47 0.54
CA ILE D 119 50.57 29.31 0.71
C ILE D 119 51.08 28.72 -0.60
N SER D 120 50.35 28.93 -1.71
CA SER D 120 50.72 28.41 -3.05
C SER D 120 52.20 28.48 -3.37
N ARG D 121 52.78 29.65 -3.15
CA ARG D 121 54.19 29.91 -3.48
C ARG D 121 55.18 29.11 -2.65
N TYR D 122 54.74 28.60 -1.49
CA TYR D 122 55.59 27.82 -0.58
C TYR D 122 55.53 26.28 -0.80
N VAL D 123 54.57 25.80 -1.59
CA VAL D 123 54.41 24.36 -1.81
C VAL D 123 54.95 23.93 -3.18
N ASP D 124 55.25 22.63 -3.33
CA ASP D 124 55.75 22.09 -4.60
C ASP D 124 54.69 22.27 -5.67
N ALA D 125 55.10 21.99 -6.90
CA ALA D 125 54.26 22.12 -8.08
C ALA D 125 53.03 21.20 -8.07
N GLY D 126 53.21 19.95 -7.66
CA GLY D 126 52.11 18.99 -7.65
C GLY D 126 50.99 19.43 -6.72
N THR D 127 51.41 19.95 -5.57
CA THR D 127 50.49 20.41 -4.54
C THR D 127 49.87 21.74 -4.99
N ARG D 128 50.67 22.59 -5.63
CA ARG D 128 50.15 23.85 -6.14
C ARG D 128 49.02 23.63 -7.16
N ASP D 129 49.13 22.56 -7.96
CA ASP D 129 48.16 22.22 -8.99
C ASP D 129 46.83 21.78 -8.39
N VAL D 130 46.89 20.98 -7.33
CA VAL D 130 45.69 20.56 -6.61
C VAL D 130 44.97 21.82 -6.14
N ILE D 131 45.70 22.68 -5.42
CA ILE D 131 45.15 23.93 -4.91
C ILE D 131 44.55 24.78 -6.03
N GLU D 132 45.34 24.99 -7.09
CA GLU D 132 44.89 25.73 -8.29
C GLU D 132 43.58 25.19 -8.90
N GLN D 133 43.40 23.88 -8.92
CA GLN D 133 42.12 23.30 -9.33
C GLN D 133 40.99 23.61 -8.34
N ILE D 134 41.35 23.75 -7.06
CA ILE D 134 40.36 24.05 -6.00
C ILE D 134 39.86 25.49 -6.13
N GLN D 135 40.66 26.35 -6.76
CA GLN D 135 40.33 27.77 -6.94
C GLN D 135 39.37 27.98 -8.12
N THR D 140 31.95 32.25 -9.48
CA THR D 140 31.00 31.80 -8.46
C THR D 140 30.98 32.63 -7.17
N THR D 141 31.99 33.49 -6.98
CA THR D 141 32.09 34.34 -5.78
C THR D 141 31.26 35.59 -5.97
N GLU D 142 31.31 36.17 -7.17
CA GLU D 142 30.50 37.35 -7.48
C GLU D 142 29.02 37.00 -7.48
N VAL D 143 28.67 35.76 -7.81
CA VAL D 143 27.30 35.27 -7.65
C VAL D 143 26.80 35.48 -6.22
N LEU D 144 27.58 35.02 -5.24
CA LEU D 144 27.22 35.21 -3.83
C LEU D 144 27.31 36.68 -3.39
N ARG D 145 28.36 37.38 -3.84
CA ARG D 145 28.55 38.77 -3.44
C ARG D 145 27.40 39.66 -3.91
N GLU D 146 26.99 39.45 -5.15
CA GLU D 146 25.94 40.23 -5.73
C GLU D 146 24.61 39.92 -5.06
N ARG D 147 24.40 38.68 -4.65
CA ARG D 147 23.18 38.31 -3.91
C ARG D 147 23.04 39.08 -2.59
N LEU D 148 24.16 39.19 -1.87
CA LEU D 148 24.26 39.87 -0.60
C LEU D 148 24.15 41.37 -0.77
N ARG D 149 24.98 41.91 -1.66
CA ARG D 149 25.01 43.33 -1.99
C ARG D 149 23.60 43.83 -2.33
N SER D 150 22.95 43.14 -3.26
CA SER D 150 21.60 43.48 -3.68
C SER D 150 20.56 43.39 -2.55
N ALA D 151 20.74 42.43 -1.65
CA ALA D 151 19.85 42.27 -0.52
C ALA D 151 20.03 43.41 0.50
N LEU D 152 21.28 43.80 0.75
CA LEU D 152 21.61 44.90 1.66
C LEU D 152 21.13 46.25 1.14
N ALA D 153 21.14 46.41 -0.17
CA ALA D 153 20.69 47.63 -0.81
C ALA D 153 19.18 47.80 -0.57
N ASP D 154 18.45 46.69 -0.53
CA ASP D 154 16.99 46.75 -0.34
C ASP D 154 16.50 46.45 1.09
N ASP D 155 17.42 46.31 2.05
CA ASP D 155 17.05 46.17 3.45
C ASP D 155 18.14 46.65 4.43
N PRO D 156 18.06 47.91 4.90
CA PRO D 156 18.98 48.42 5.90
C PRO D 156 19.03 47.59 7.19
N ARG D 157 17.95 46.90 7.54
CA ARG D 157 17.92 46.12 8.78
C ARG D 157 18.94 44.97 8.75
N LEU D 158 19.15 44.38 7.58
CA LEU D 158 20.13 43.31 7.39
C LEU D 158 21.54 43.70 7.78
N ALA D 159 21.91 44.95 7.50
CA ALA D 159 23.28 45.44 7.71
C ALA D 159 23.82 45.12 9.11
N SER D 160 23.16 45.61 10.15
CA SER D 160 23.66 45.41 11.52
C SER D 160 23.74 43.94 11.90
N ARG D 161 22.75 43.16 11.45
CA ARG D 161 22.67 41.75 11.76
C ARG D 161 23.78 40.91 11.05
N LEU D 162 23.99 41.18 9.76
CA LEU D 162 25.04 40.50 9.01
C LEU D 162 26.44 40.97 9.43
N ALA D 163 26.57 42.20 9.95
CA ALA D 163 27.82 42.71 10.49
C ALA D 163 28.24 41.89 11.72
N LEU D 164 27.28 41.60 12.60
CA LEU D 164 27.51 40.76 13.79
C LEU D 164 27.79 39.34 13.40
N TRP D 165 27.05 38.85 12.40
CA TRP D 165 27.25 37.50 11.91
C TRP D 165 28.65 37.38 11.33
N GLY D 166 29.04 38.35 10.51
CA GLY D 166 30.40 38.43 9.95
C GLY D 166 31.49 38.29 11.00
N ARG D 167 31.34 39.00 12.10
CA ARG D 167 32.31 38.98 13.19
C ARG D 167 32.33 37.67 13.94
N ARG D 168 31.16 37.10 14.19
CA ARG D 168 31.05 35.82 14.86
C ARG D 168 31.76 34.74 14.04
N LEU D 169 31.58 34.81 12.72
CA LEU D 169 32.27 33.91 11.80
C LEU D 169 33.78 34.11 11.88
N LEU D 170 34.24 35.35 11.85
CA LEU D 170 35.69 35.64 11.96
C LEU D 170 36.23 35.16 13.32
N GLY D 171 35.53 35.48 14.40
CA GLY D 171 35.94 35.09 15.76
C GLY D 171 36.04 33.57 15.94
N GLU D 172 35.02 32.85 15.48
CA GLU D 172 34.98 31.40 15.63
C GLU D 172 36.03 30.69 14.79
N ALA D 173 36.38 31.26 13.63
CA ALA D 173 37.43 30.71 12.75
C ALA D 173 38.83 30.94 13.33
N LEU D 174 39.10 32.16 13.77
CA LEU D 174 40.38 32.50 14.39
C LEU D 174 40.68 31.68 15.65
N THR D 175 39.67 31.40 16.46
CA THR D 175 39.84 30.56 17.64
C THR D 175 40.28 29.14 17.27
N GLN D 176 39.72 28.58 16.20
CA GLN D 176 40.15 27.26 15.78
C GLN D 176 41.53 27.28 15.09
N ALA D 177 41.86 28.34 14.37
CA ALA D 177 43.19 28.44 13.75
C ALA D 177 44.26 28.43 14.85
N GLN D 178 44.01 29.21 15.89
CA GLN D 178 44.86 29.22 17.08
C GLN D 178 44.93 27.83 17.75
N ARG D 179 43.79 27.16 17.94
CA ARG D 179 43.77 25.86 18.63
C ARG D 179 44.55 24.81 17.84
N VAL D 180 44.31 24.76 16.53
CA VAL D 180 45.02 23.85 15.63
C VAL D 180 46.56 24.08 15.57
N SER D 181 47.06 25.27 15.90
CA SER D 181 48.52 25.52 15.94
C SER D 181 49.18 24.80 17.12
N TYR D 182 48.50 24.71 18.25
CA TYR D 182 49.03 23.94 19.36
C TYR D 182 48.71 22.46 19.25
N GLU D 183 47.50 22.14 18.79
CA GLU D 183 47.05 20.76 18.81
C GLU D 183 47.67 19.86 17.75
N HIS D 184 47.81 20.40 16.55
CA HIS D 184 48.30 19.64 15.40
C HIS D 184 48.97 20.61 14.44
N ALA D 185 50.04 21.22 14.93
CA ALA D 185 50.80 22.21 14.19
C ALA D 185 51.38 21.60 12.92
N PHE D 186 51.15 22.25 11.79
CA PHE D 186 51.77 21.82 10.50
C PHE D 186 52.10 22.98 9.54
N LEU D 187 51.41 24.12 9.69
CA LEU D 187 51.53 25.25 8.74
C LEU D 187 52.89 25.95 8.78
N GLY D 188 53.47 26.11 9.97
CA GLY D 188 54.82 26.68 10.09
C GLY D 188 55.88 25.87 9.36
N SER D 189 55.70 24.55 9.29
CA SER D 189 56.68 23.67 8.63
C SER D 189 56.62 23.72 7.10
N LEU D 190 55.53 24.25 6.53
CA LEU D 190 55.42 24.45 5.08
C LEU D 190 55.95 25.83 4.74
N ILE D 191 55.34 26.86 5.32
CA ILE D 191 55.74 28.24 5.07
C ILE D 191 56.97 28.62 5.90
N ALA D 197 59.86 28.85 15.76
CA ALA D 197 60.01 30.23 16.22
C ALA D 197 59.64 31.25 15.14
N ALA D 198 60.43 31.27 14.06
CA ALA D 198 60.22 32.18 12.93
C ALA D 198 58.95 31.84 12.14
N ALA D 199 58.69 30.54 11.99
CA ALA D 199 57.52 30.04 11.30
C ALA D 199 56.27 30.33 12.10
N LYS D 200 56.32 30.10 13.42
CA LYS D 200 55.21 30.41 14.32
C LYS D 200 54.74 31.87 14.10
N GLU D 201 55.71 32.75 13.97
CA GLU D 201 55.44 34.17 13.73
C GLU D 201 54.87 34.39 12.35
N LEU D 202 55.43 33.69 11.37
CA LEU D 202 55.00 33.82 9.97
C LEU D 202 53.53 33.38 9.77
N VAL D 203 53.12 32.38 10.55
CA VAL D 203 51.74 31.88 10.53
C VAL D 203 50.78 32.88 11.14
N SER D 204 51.21 33.62 12.16
CA SER D 204 50.39 34.69 12.75
C SER D 204 50.30 35.90 11.82
N GLY D 205 51.36 36.16 11.07
CA GLY D 205 51.33 37.19 10.05
C GLY D 205 50.41 36.80 8.90
N LEU D 206 50.41 35.52 8.56
CA LEU D 206 49.56 35.01 7.48
C LEU D 206 48.08 35.09 7.91
N ILE D 207 47.79 34.63 9.13
CA ILE D 207 46.45 34.69 9.71
C ILE D 207 45.96 36.12 9.78
N ALA D 208 46.77 37.00 10.37
CA ALA D 208 46.45 38.43 10.48
C ALA D 208 46.05 39.06 9.14
N GLY D 209 46.77 38.73 8.07
CA GLY D 209 46.44 39.25 6.73
C GLY D 209 45.13 38.71 6.17
N LEU D 210 44.79 37.47 6.47
CA LEU D 210 43.47 36.93 6.10
C LEU D 210 42.35 37.72 6.80
N ALA D 211 42.56 38.08 8.07
CA ALA D 211 41.60 38.86 8.87
C ALA D 211 41.38 40.20 8.26
N GLU D 212 42.48 40.84 7.85
CA GLU D 212 42.45 42.19 7.26
C GLU D 212 41.66 42.18 5.97
N LYS D 213 41.91 41.19 5.10
CA LYS D 213 41.18 41.14 3.82
C LYS D 213 39.70 40.88 4.06
N HIS D 214 39.40 40.06 5.05
CA HIS D 214 38.02 39.79 5.44
C HIS D 214 37.29 41.09 5.80
N SER D 215 37.90 41.86 6.69
CA SER D 215 37.30 43.06 7.19
C SER D 215 37.17 44.11 6.09
N LYS D 216 38.06 44.13 5.11
CA LYS D 216 37.92 45.02 3.97
C LYS D 216 36.73 44.58 3.11
N ARG D 217 36.57 43.28 2.90
CA ARG D 217 35.39 42.74 2.19
C ARG D 217 34.08 43.10 2.89
N THR D 219 33.57 45.80 4.73
CA THR D 219 33.38 47.24 4.43
C THR D 219 32.83 47.45 3.02
N GLN D 220 33.35 46.69 2.04
CA GLN D 220 32.85 46.81 0.67
C GLN D 220 31.37 46.39 0.53
N LEU D 221 30.90 45.51 1.40
CA LEU D 221 29.48 45.13 1.44
C LEU D 221 28.66 46.15 2.21
N GLY D 222 29.33 47.17 2.76
CA GLY D 222 28.65 48.23 3.51
C GLY D 222 28.39 47.88 4.96
N LEU D 223 29.19 46.98 5.53
CA LEU D 223 28.97 46.53 6.90
C LEU D 223 30.02 47.12 7.85
N THR D 224 29.79 46.99 9.15
CA THR D 224 30.77 47.47 10.14
C THR D 224 31.88 46.42 10.28
#